data_7AX1
#
_entry.id   7AX1
#
_cell.length_a   149.850
_cell.length_b   63.260
_cell.length_c   113.070
_cell.angle_alpha   90.000
_cell.angle_beta   106.810
_cell.angle_gamma   90.000
#
_symmetry.space_group_name_H-M   'C 1 2 1'
#
loop_
_entity.id
_entity.type
_entity.pdbx_description
1 polymer 'CCR4-NOT transcription complex subunit 6'
2 polymer 'CCR4-NOT transcription complex subunit 7'
3 non-polymer 'MAGNESIUM ION'
#
loop_
_entity_poly.entity_id
_entity_poly.type
_entity_poly.pdbx_seq_one_letter_code
_entity_poly.pdbx_strand_id
1 'polypeptide(L)'
;GPHMLEMPKEKYEPPDPRRMYTIMSSEEAANGKKSHWAELEISGKVRSLSASLWSLTHLTALHLSDNSLSRIPSDIAKLH
NLVYLDLSSNKIRSLPAELGNMVSLRELHLNNNLLRVLPFELGKLFQLQTLGLKGNPLTQDILNLYQEPDGTRRLLNYLL
DNLSGTAKRITTEQPPPRSWIMLQEPDRTRPTALFSVMCYNVLCDKYATRQLYGYCPSWALNWDYRKKAIIQEILSCNAD
IVSLQEVETEQYYSFFLVELKERGYNGFFSPKSRARTMSEQERKHVDGCAIFFKTEKFTLVQKHTVEFNQLAMANSEGSE
AMLNRVMTKDNIGVAVLLELRKESIEMPSGKPHLGTEKQLILVANAHMHWDPEYSDVKLVQTMMFLSEVKNIIDKASRNL
KSSVLGEFGTIPLVLCADLNSLPDSGVVEYLSTGGVETNHKDFKELRYNESLTNFSCHGKNGTTNGRITHGFKLQSAYES
GLMPYTNYTFDFKGIIDYIFYSKPQLNTLGILGPLDHHWLVENNISGCPHPLIPSDHFSLFAQLELLLPFLPQVNGIHLP
GRR
;
A
2 'polypeptide(L)'
;GPHMLEPAATVDHSQRICEVWACNLDEEMKKIRQVIRKYNYVAMDTEFPGVVARPIGEFRSNADYQYQLLRCNVDLLKII
QLGLTFMNEQGEYPPGTSTWQFNFKFNLTEDMYAQDSIELLTTSGIQFKKHEEEGIETQYFAELLMTSGVVLCEGVKWLS
FHSGYDFGYLIKILTNSNLPEEELDFFEILRLFFPVIYDVKYLMKSCKNLKGGLQEVAEQLELERIGPQHQAGSDSLLTG
MAFFKMREMFFEDHIDDAKYCGHLYGLGSGSSYVQNGTGNAYEEEANKQS
;
B
#
# COMPACT_ATOMS: atom_id res chain seq x y z
N TYR A 12 11.29 -18.11 35.02
CA TYR A 12 10.05 -17.65 34.41
C TYR A 12 9.98 -16.12 34.37
N GLU A 13 10.32 -15.50 35.48
CA GLU A 13 10.35 -14.04 35.52
C GLU A 13 11.41 -13.51 34.56
N PRO A 14 11.10 -12.53 33.72
CA PRO A 14 12.16 -11.85 32.98
C PRO A 14 13.07 -11.10 33.94
N PRO A 15 14.35 -10.96 33.62
CA PRO A 15 15.27 -10.30 34.56
C PRO A 15 14.94 -8.83 34.68
N ASP A 16 14.83 -8.35 35.92
CA ASP A 16 14.55 -6.93 36.13
C ASP A 16 15.59 -6.06 35.45
N PRO A 17 16.90 -6.32 35.57
CA PRO A 17 17.88 -5.51 34.84
C PRO A 17 17.70 -5.68 33.34
N ARG A 18 17.43 -4.57 32.67
CA ARG A 18 17.30 -4.58 31.21
C ARG A 18 18.68 -4.36 30.59
N ARG A 19 19.56 -5.34 30.83
CA ARG A 19 20.94 -5.30 30.38
C ARG A 19 21.28 -6.57 29.63
N MET A 20 22.12 -6.44 28.61
CA MET A 20 22.58 -7.59 27.85
C MET A 20 23.46 -8.49 28.70
N TYR A 21 23.62 -9.72 28.23
CA TYR A 21 24.54 -10.67 28.83
C TYR A 21 25.30 -11.40 27.73
N THR A 22 26.59 -11.61 27.95
CA THR A 22 27.47 -12.29 27.02
C THR A 22 27.92 -13.62 27.62
N ILE A 23 28.01 -14.65 26.78
CA ILE A 23 28.54 -15.93 27.24
C ILE A 23 30.02 -15.73 27.57
N MET A 24 30.51 -16.48 28.56
CA MET A 24 31.91 -16.36 28.94
C MET A 24 32.80 -16.81 27.78
N SER A 25 33.92 -16.11 27.59
CA SER A 25 34.70 -16.27 26.38
C SER A 25 35.29 -17.68 26.27
N SER A 26 35.92 -18.16 27.35
CA SER A 26 36.63 -19.43 27.26
C SER A 26 35.68 -20.57 26.91
N GLU A 27 34.56 -20.68 27.63
CA GLU A 27 33.65 -21.78 27.35
C GLU A 27 32.88 -21.57 26.05
N GLU A 28 32.40 -20.35 25.79
CA GLU A 28 31.64 -20.13 24.57
C GLU A 28 32.49 -20.41 23.34
N ALA A 29 33.66 -19.78 23.26
CA ALA A 29 34.43 -19.85 22.03
C ALA A 29 34.79 -21.30 21.69
N ALA A 30 35.18 -22.09 22.69
CA ALA A 30 35.53 -23.48 22.43
C ALA A 30 34.31 -24.27 21.96
N ASN A 31 33.20 -24.16 22.69
CA ASN A 31 31.97 -24.82 22.26
C ASN A 31 31.39 -24.13 21.02
N GLY A 32 31.34 -22.80 21.05
CA GLY A 32 30.86 -22.03 19.91
C GLY A 32 29.36 -22.10 19.67
N LYS A 33 28.56 -22.13 20.73
CA LYS A 33 27.11 -22.07 20.57
C LYS A 33 26.71 -20.72 20.00
N LYS A 34 25.63 -20.73 19.23
CA LYS A 34 25.19 -19.53 18.54
C LYS A 34 24.53 -18.57 19.53
N SER A 35 24.42 -17.31 19.12
CA SER A 35 23.81 -16.26 19.93
C SER A 35 22.32 -16.25 19.71
N HIS A 36 21.57 -16.69 20.72
CA HIS A 36 20.11 -16.61 20.69
C HIS A 36 19.67 -15.44 21.56
N TRP A 37 19.05 -14.44 20.95
CA TRP A 37 18.46 -13.31 21.66
C TRP A 37 16.96 -13.33 21.43
N ALA A 38 16.19 -13.46 22.52
CA ALA A 38 14.75 -13.57 22.44
C ALA A 38 14.00 -12.40 23.08
N GLU A 39 14.71 -11.46 23.69
CA GLU A 39 14.11 -10.33 24.37
C GLU A 39 14.52 -9.04 23.66
N LEU A 40 13.60 -8.07 23.60
CA LEU A 40 13.86 -6.81 22.94
C LEU A 40 13.22 -5.67 23.72
N GLU A 41 13.80 -4.48 23.59
CA GLU A 41 13.27 -3.29 24.22
C GLU A 41 13.13 -2.18 23.19
N ILE A 42 12.15 -1.31 23.40
CA ILE A 42 11.92 -0.14 22.56
C ILE A 42 11.86 1.08 23.48
N SER A 43 12.64 2.11 23.15
CA SER A 43 12.68 3.31 23.95
C SER A 43 12.92 4.51 23.03
N GLY A 44 12.70 5.70 23.59
CA GLY A 44 12.88 6.93 22.84
C GLY A 44 11.61 7.73 22.73
N LYS A 45 10.67 7.52 23.65
CA LYS A 45 9.37 8.18 23.63
C LYS A 45 8.82 8.29 22.21
N VAL A 46 8.77 7.14 21.55
CA VAL A 46 8.36 7.09 20.14
C VAL A 46 6.86 7.36 20.03
N ARG A 47 6.45 7.87 18.88
CA ARG A 47 5.07 8.22 18.63
C ARG A 47 4.25 7.04 18.11
N SER A 48 4.80 6.28 17.16
CA SER A 48 4.11 5.15 16.57
C SER A 48 5.11 4.01 16.39
N LEU A 49 4.61 2.90 15.84
CA LEU A 49 5.42 1.70 15.61
C LEU A 49 5.48 1.43 14.11
N SER A 50 6.39 0.53 13.73
CA SER A 50 6.64 0.19 12.34
C SER A 50 6.18 -1.22 12.03
N ALA A 51 5.95 -1.47 10.74
CA ALA A 51 5.43 -2.76 10.29
C ALA A 51 6.50 -3.85 10.33
N SER A 52 7.74 -3.51 10.00
CA SER A 52 8.83 -4.48 10.08
C SER A 52 9.03 -5.03 11.48
N LEU A 53 8.42 -4.43 12.50
CA LEU A 53 8.52 -4.96 13.84
C LEU A 53 7.72 -6.25 13.98
N TRP A 54 6.51 -6.29 13.42
CA TRP A 54 5.67 -7.47 13.52
C TRP A 54 6.24 -8.67 12.78
N SER A 55 7.30 -8.50 12.00
CA SER A 55 7.91 -9.61 11.27
C SER A 55 8.83 -10.44 12.14
N LEU A 56 9.18 -9.97 13.34
CA LEU A 56 10.10 -10.70 14.22
C LEU A 56 9.32 -11.75 15.01
N THR A 57 8.88 -12.79 14.30
CA THR A 57 8.10 -13.85 14.92
C THR A 57 8.87 -14.57 16.02
N HIS A 58 10.19 -14.54 15.97
CA HIS A 58 11.00 -15.29 16.93
C HIS A 58 11.02 -14.64 18.30
N LEU A 59 10.62 -13.37 18.41
CA LEU A 59 10.69 -12.67 19.68
C LEU A 59 9.75 -13.33 20.70
N THR A 60 10.16 -13.29 21.97
CA THR A 60 9.43 -13.95 23.04
C THR A 60 9.26 -13.07 24.27
N ALA A 61 9.57 -11.78 24.19
CA ALA A 61 9.38 -10.86 25.30
C ALA A 61 9.68 -9.43 24.84
N LEU A 62 8.68 -8.54 24.94
CA LEU A 62 8.76 -7.21 24.36
C LEU A 62 8.54 -6.16 25.44
N HIS A 63 9.38 -5.13 25.45
CA HIS A 63 9.33 -4.05 26.42
C HIS A 63 9.03 -2.75 25.68
N LEU A 64 7.75 -2.37 25.61
CA LEU A 64 7.34 -1.11 25.01
C LEU A 64 6.98 -0.06 26.07
N SER A 65 7.58 -0.15 27.25
CA SER A 65 7.20 0.73 28.35
C SER A 65 7.81 2.11 28.17
N ASP A 66 7.15 3.10 28.78
CA ASP A 66 7.61 4.49 28.78
C ASP A 66 7.78 4.99 27.35
N ASN A 67 6.65 5.19 26.69
CA ASN A 67 6.61 5.70 25.33
C ASN A 67 5.38 6.59 25.20
N SER A 68 5.17 7.11 23.98
CA SER A 68 3.99 7.90 23.67
C SER A 68 3.15 7.16 22.63
N LEU A 69 2.84 5.90 22.89
CA LEU A 69 2.08 5.09 21.95
C LEU A 69 0.60 5.42 22.06
N SER A 70 0.04 5.95 20.97
CA SER A 70 -1.39 6.30 20.96
C SER A 70 -2.25 5.04 20.95
N ARG A 71 -1.98 4.12 20.05
CA ARG A 71 -2.82 2.94 19.86
C ARG A 71 -1.91 1.72 19.74
N ILE A 72 -2.49 0.62 19.24
CA ILE A 72 -1.76 -0.63 18.99
C ILE A 72 -2.32 -1.23 17.71
N PRO A 73 -1.49 -1.56 16.71
CA PRO A 73 -2.01 -2.25 15.52
C PRO A 73 -2.45 -3.67 15.86
N SER A 74 -3.37 -4.18 15.03
CA SER A 74 -3.82 -5.55 15.19
C SER A 74 -2.75 -6.56 14.82
N ASP A 75 -1.77 -6.17 13.99
CA ASP A 75 -0.71 -7.06 13.58
C ASP A 75 0.25 -7.42 14.71
N ILE A 76 0.04 -6.87 15.91
CA ILE A 76 0.81 -7.29 17.08
C ILE A 76 0.66 -8.80 17.28
N ALA A 77 -0.50 -9.36 16.93
CA ALA A 77 -0.74 -10.79 17.07
C ALA A 77 0.16 -11.63 16.18
N LYS A 78 0.94 -11.01 15.27
CA LYS A 78 1.87 -11.75 14.42
C LYS A 78 3.05 -12.31 15.21
N LEU A 79 3.10 -12.12 16.53
CA LEU A 79 4.13 -12.69 17.37
C LEU A 79 3.58 -13.87 18.17
N HIS A 80 3.20 -14.90 17.43
CA HIS A 80 2.56 -16.08 18.01
C HIS A 80 3.42 -16.73 19.09
N ASN A 81 4.72 -16.46 19.10
CA ASN A 81 5.63 -17.02 20.10
C ASN A 81 5.80 -16.11 21.31
N LEU A 82 5.24 -14.91 21.30
CA LEU A 82 5.43 -13.97 22.38
C LEU A 82 4.80 -14.49 23.67
N VAL A 83 5.54 -14.40 24.78
CA VAL A 83 5.08 -14.88 26.07
C VAL A 83 5.30 -13.80 27.12
N TYR A 84 5.34 -12.54 26.70
CA TYR A 84 5.52 -11.43 27.62
C TYR A 84 5.32 -10.12 26.85
N LEU A 85 4.73 -9.13 27.51
CA LEU A 85 4.46 -7.86 26.86
C LEU A 85 4.32 -6.78 27.93
N ASP A 86 4.90 -5.62 27.66
CA ASP A 86 4.94 -4.52 28.61
C ASP A 86 4.52 -3.24 27.90
N LEU A 87 3.47 -2.59 28.41
CA LEU A 87 2.98 -1.34 27.86
C LEU A 87 2.81 -0.29 28.95
N SER A 88 3.62 -0.36 30.00
CA SER A 88 3.51 0.54 31.12
C SER A 88 3.84 1.97 30.73
N SER A 89 3.18 2.92 31.39
CA SER A 89 3.43 4.35 31.22
C SER A 89 3.47 4.74 29.74
N ASN A 90 2.37 4.44 29.06
CA ASN A 90 2.16 4.85 27.68
C ASN A 90 0.87 5.64 27.58
N LYS A 91 0.63 6.21 26.40
CA LYS A 91 -0.52 7.06 26.20
C LYS A 91 -1.55 6.33 25.34
N ILE A 92 -1.86 5.09 25.73
CA ILE A 92 -2.76 4.24 24.96
C ILE A 92 -4.19 4.49 25.42
N ARG A 93 -5.10 4.56 24.45
CA ARG A 93 -6.51 4.80 24.71
C ARG A 93 -7.33 3.53 24.80
N SER A 94 -6.99 2.51 24.01
CA SER A 94 -7.73 1.26 23.99
C SER A 94 -6.89 0.19 23.29
N LEU A 95 -7.26 -1.06 23.53
CA LEU A 95 -6.56 -2.21 22.96
C LEU A 95 -7.35 -2.81 21.82
N PRO A 96 -6.70 -3.54 20.92
CA PRO A 96 -7.41 -4.14 19.78
C PRO A 96 -8.09 -5.45 20.17
N ALA A 97 -8.91 -5.94 19.25
CA ALA A 97 -9.63 -7.19 19.47
C ALA A 97 -8.78 -8.41 19.12
N GLU A 98 -7.88 -8.28 18.14
CA GLU A 98 -7.00 -9.38 17.76
C GLU A 98 -6.04 -9.77 18.88
N LEU A 99 -6.01 -9.03 19.99
CA LEU A 99 -5.17 -9.41 21.11
C LEU A 99 -5.62 -10.73 21.74
N GLY A 100 -6.88 -11.12 21.54
CA GLY A 100 -7.36 -12.37 22.10
C GLY A 100 -6.78 -13.60 21.42
N ASN A 101 -6.20 -13.45 20.23
CA ASN A 101 -5.61 -14.57 19.52
C ASN A 101 -4.17 -14.85 19.95
N MET A 102 -3.65 -14.12 20.94
CA MET A 102 -2.29 -14.32 21.42
C MET A 102 -2.31 -15.18 22.69
N VAL A 103 -2.68 -16.45 22.48
CA VAL A 103 -2.82 -17.37 23.60
C VAL A 103 -1.48 -17.58 24.30
N SER A 104 -0.40 -17.69 23.52
CA SER A 104 0.92 -17.97 24.08
C SER A 104 1.33 -16.98 25.15
N LEU A 105 0.72 -15.79 25.16
CA LEU A 105 1.10 -14.76 26.12
C LEU A 105 0.83 -15.23 27.55
N ARG A 106 1.82 -15.04 28.42
CA ARG A 106 1.72 -15.47 29.81
C ARG A 106 1.92 -14.35 30.83
N GLU A 107 2.14 -13.12 30.38
CA GLU A 107 2.31 -11.99 31.29
C GLU A 107 2.19 -10.67 30.55
N LEU A 108 1.32 -9.78 31.04
CA LEU A 108 1.03 -8.52 30.38
C LEU A 108 1.02 -7.38 31.40
N HIS A 109 1.45 -6.20 30.97
CA HIS A 109 1.49 -5.02 31.81
C HIS A 109 0.88 -3.84 31.04
N LEU A 110 -0.08 -3.17 31.68
CA LEU A 110 -0.79 -2.06 31.06
C LEU A 110 -0.84 -0.84 31.98
N ASN A 111 0.11 -0.74 32.90
CA ASN A 111 0.04 0.27 33.95
C ASN A 111 0.16 1.67 33.36
N ASN A 112 -0.48 2.63 34.04
CA ASN A 112 -0.32 4.05 33.75
C ASN A 112 -0.61 4.36 32.28
N ASN A 113 -1.73 3.85 31.79
CA ASN A 113 -2.23 4.18 30.47
C ASN A 113 -3.63 4.77 30.58
N LEU A 114 -4.17 5.18 29.43
CA LEU A 114 -5.50 5.76 29.38
C LEU A 114 -6.49 4.70 28.87
N LEU A 115 -6.66 3.67 29.70
CA LEU A 115 -7.54 2.55 29.38
C LEU A 115 -8.86 2.73 30.12
N ARG A 116 -9.96 2.78 29.37
CA ARG A 116 -11.29 2.94 29.95
C ARG A 116 -11.90 1.58 30.30
N VAL A 117 -11.89 0.64 29.36
CA VAL A 117 -12.42 -0.70 29.59
C VAL A 117 -11.61 -1.67 28.74
N LEU A 118 -11.33 -2.84 29.29
CA LEU A 118 -10.50 -3.82 28.61
C LEU A 118 -11.34 -4.61 27.61
N PRO A 119 -10.73 -5.06 26.51
CA PRO A 119 -11.50 -5.80 25.49
C PRO A 119 -11.90 -7.17 25.99
N PHE A 120 -13.14 -7.57 25.66
CA PHE A 120 -13.64 -8.84 26.14
C PHE A 120 -12.80 -10.01 25.64
N GLU A 121 -12.19 -9.87 24.46
CA GLU A 121 -11.37 -10.95 23.92
C GLU A 121 -10.17 -11.26 24.81
N LEU A 122 -9.83 -10.35 25.72
CA LEU A 122 -8.64 -10.53 26.53
C LEU A 122 -8.77 -11.72 27.48
N GLY A 123 -10.00 -12.07 27.88
CA GLY A 123 -10.19 -13.20 28.78
C GLY A 123 -9.78 -14.53 28.19
N LYS A 124 -9.72 -14.63 26.86
CA LYS A 124 -9.35 -15.88 26.21
C LYS A 124 -7.93 -16.31 26.52
N LEU A 125 -7.08 -15.40 27.01
CA LEU A 125 -5.67 -15.69 27.24
C LEU A 125 -5.53 -16.49 28.53
N PHE A 126 -5.89 -17.77 28.43
CA PHE A 126 -5.94 -18.64 29.59
C PHE A 126 -4.56 -18.94 30.18
N GLN A 127 -3.48 -18.49 29.54
CA GLN A 127 -2.13 -18.71 30.04
C GLN A 127 -1.58 -17.50 30.78
N LEU A 128 -2.34 -16.41 30.87
CA LEU A 128 -1.87 -15.19 31.50
C LEU A 128 -1.84 -15.37 33.02
N GLN A 129 -0.65 -15.48 33.59
CA GLN A 129 -0.50 -15.68 35.02
C GLN A 129 -0.46 -14.37 35.80
N THR A 130 0.10 -13.31 35.22
CA THR A 130 0.24 -12.03 35.89
C THR A 130 -0.28 -10.92 34.99
N LEU A 131 -0.93 -9.94 35.60
CA LEU A 131 -1.48 -8.80 34.88
C LEU A 131 -1.36 -7.56 35.75
N GLY A 132 -0.97 -6.45 35.12
CA GLY A 132 -0.84 -5.18 35.81
C GLY A 132 -1.77 -4.12 35.26
N LEU A 133 -2.47 -3.41 36.15
CA LEU A 133 -3.45 -2.42 35.73
C LEU A 133 -3.41 -1.13 36.53
N LYS A 134 -2.53 -1.02 37.53
CA LYS A 134 -2.47 0.20 38.34
C LYS A 134 -2.23 1.42 37.46
N GLY A 135 -3.03 2.46 37.69
CA GLY A 135 -2.86 3.70 36.96
C GLY A 135 -3.73 3.86 35.74
N ASN A 136 -4.80 3.08 35.62
CA ASN A 136 -5.70 3.16 34.48
C ASN A 136 -7.10 3.54 34.96
N PRO A 137 -7.92 4.33 34.09
CA PRO A 137 -9.32 4.68 34.46
C PRO A 137 -10.32 3.59 34.10
N LEU A 138 -10.34 2.53 34.90
CA LEU A 138 -11.22 1.39 34.68
C LEU A 138 -12.47 1.53 35.53
N THR A 139 -13.55 0.88 35.06
CA THR A 139 -14.82 0.94 35.75
C THR A 139 -14.64 0.57 37.23
N GLN A 140 -15.51 1.14 38.07
CA GLN A 140 -15.42 0.89 39.51
C GLN A 140 -15.44 -0.61 39.81
N ASP A 141 -16.19 -1.39 39.02
CA ASP A 141 -16.28 -2.83 39.28
C ASP A 141 -15.02 -3.56 38.87
N ILE A 142 -14.38 -3.13 37.79
CA ILE A 142 -13.14 -3.78 37.35
C ILE A 142 -12.06 -3.62 38.41
N LEU A 143 -11.97 -2.44 39.04
CA LEU A 143 -11.02 -2.22 40.11
C LEU A 143 -11.39 -3.00 41.37
N ASN A 144 -12.65 -3.44 41.49
CA ASN A 144 -13.06 -4.23 42.63
C ASN A 144 -12.64 -5.68 42.48
N LEU A 145 -12.67 -6.22 41.25
CA LEU A 145 -12.24 -7.60 41.03
C LEU A 145 -10.73 -7.72 41.14
N TYR A 146 -10.00 -6.73 40.62
CA TYR A 146 -8.54 -6.77 40.65
C TYR A 146 -8.00 -6.75 42.07
N GLN A 147 -8.77 -6.23 43.03
CA GLN A 147 -8.32 -6.20 44.42
C GLN A 147 -8.53 -7.54 45.12
N GLU A 148 -9.56 -8.29 44.73
CA GLU A 148 -9.85 -9.57 45.36
C GLU A 148 -8.64 -10.50 45.25
N PRO A 149 -8.52 -11.46 46.16
CA PRO A 149 -7.43 -12.44 46.04
C PRO A 149 -7.55 -13.23 44.74
N ASP A 150 -6.41 -13.40 44.07
CA ASP A 150 -6.40 -14.03 42.74
C ASP A 150 -7.39 -13.33 41.81
N GLY A 151 -7.52 -12.01 41.96
CA GLY A 151 -8.39 -11.24 41.11
C GLY A 151 -8.00 -11.25 39.66
N THR A 152 -6.75 -11.62 39.35
CA THR A 152 -6.32 -11.72 37.96
C THR A 152 -7.11 -12.81 37.24
N ARG A 153 -7.09 -14.04 37.77
CA ARG A 153 -7.89 -15.11 37.19
C ARG A 153 -9.36 -14.73 37.17
N ARG A 154 -9.86 -14.13 38.25
CA ARG A 154 -11.28 -13.81 38.34
C ARG A 154 -11.69 -12.77 37.29
N LEU A 155 -10.80 -11.82 37.01
CA LEU A 155 -11.16 -10.77 36.05
C LEU A 155 -11.19 -11.30 34.63
N LEU A 156 -10.21 -12.13 34.25
CA LEU A 156 -10.20 -12.70 32.91
C LEU A 156 -11.47 -13.51 32.66
N ASN A 157 -11.91 -14.27 33.66
CA ASN A 157 -13.14 -15.03 33.50
C ASN A 157 -14.32 -14.10 33.26
N TYR A 158 -14.33 -12.94 33.91
CA TYR A 158 -15.41 -11.99 33.67
C TYR A 158 -15.38 -11.48 32.24
N LEU A 159 -14.23 -10.98 31.79
CA LEU A 159 -14.12 -10.51 30.41
C LEU A 159 -14.50 -11.59 29.42
N LEU A 160 -14.24 -12.86 29.76
CA LEU A 160 -14.68 -13.96 28.91
C LEU A 160 -16.18 -14.21 29.07
N ASP A 161 -16.74 -13.90 30.24
CA ASP A 161 -18.18 -13.99 30.43
C ASP A 161 -18.92 -12.95 29.60
N ASN A 162 -18.34 -11.75 29.45
CA ASN A 162 -18.96 -10.72 28.63
C ASN A 162 -18.82 -10.99 27.14
N LEU A 163 -17.73 -11.67 26.74
CA LEU A 163 -17.57 -12.03 25.34
C LEU A 163 -18.70 -12.95 24.87
N SER A 164 -19.33 -13.67 25.79
CA SER A 164 -20.50 -14.47 25.42
C SER A 164 -21.70 -13.59 25.10
N GLY A 165 -21.79 -12.42 25.73
CA GLY A 165 -22.86 -11.49 25.40
C GLY A 165 -22.84 -11.07 23.95
N THR A 166 -21.63 -10.86 23.40
CA THR A 166 -21.52 -10.49 21.99
C THR A 166 -22.15 -11.56 21.10
N ALA A 167 -21.84 -12.82 21.39
CA ALA A 167 -22.39 -13.96 20.66
C ALA A 167 -22.23 -13.76 19.14
N LYS A 168 -20.97 -13.75 18.71
CA LYS A 168 -20.68 -13.51 17.31
C LYS A 168 -21.26 -14.62 16.43
N ARG A 169 -21.79 -14.20 15.29
CA ARG A 169 -22.39 -15.13 14.31
C ARG A 169 -23.62 -15.83 14.89
N ILE A 170 -24.50 -15.09 15.58
CA ILE A 170 -25.81 -15.63 15.89
C ILE A 170 -26.55 -15.97 14.60
N THR A 171 -26.73 -14.97 13.75
CA THR A 171 -27.44 -15.13 12.49
C THR A 171 -28.88 -15.58 12.75
N THR A 172 -29.54 -14.87 13.66
CA THR A 172 -30.91 -15.23 14.03
C THR A 172 -31.90 -14.87 12.94
N GLU A 173 -31.60 -13.87 12.12
CA GLU A 173 -32.48 -13.45 11.05
C GLU A 173 -32.31 -14.35 9.82
N GLN A 174 -33.26 -14.25 8.89
CA GLN A 174 -33.25 -15.01 7.66
C GLN A 174 -33.44 -14.08 6.47
N PRO A 175 -32.73 -14.30 5.37
CA PRO A 175 -32.84 -13.39 4.23
C PRO A 175 -33.93 -13.83 3.27
N PRO A 176 -34.92 -12.98 2.99
CA PRO A 176 -35.91 -13.30 1.95
C PRO A 176 -35.31 -13.16 0.57
N PRO A 177 -35.86 -13.86 -0.42
CA PRO A 177 -35.32 -13.75 -1.78
C PRO A 177 -35.63 -12.40 -2.40
N ARG A 178 -34.86 -12.07 -3.42
CA ARG A 178 -35.07 -10.86 -4.19
C ARG A 178 -36.01 -11.14 -5.35
N SER A 179 -36.97 -10.24 -5.56
CA SER A 179 -38.02 -10.47 -6.54
C SER A 179 -37.55 -10.10 -7.95
N TRP A 180 -38.19 -10.69 -8.95
CA TRP A 180 -37.88 -10.44 -10.34
C TRP A 180 -39.02 -9.67 -11.01
N ILE A 181 -38.65 -8.70 -11.83
CA ILE A 181 -39.61 -7.82 -12.50
C ILE A 181 -39.49 -8.00 -14.00
N MET A 182 -40.62 -7.87 -14.70
CA MET A 182 -40.67 -8.03 -16.14
C MET A 182 -41.04 -6.69 -16.77
N LEU A 183 -40.14 -6.16 -17.61
CA LEU A 183 -40.38 -4.89 -18.28
C LEU A 183 -41.05 -5.06 -19.64
N GLN A 184 -40.72 -6.14 -20.36
CA GLN A 184 -41.31 -6.39 -21.67
C GLN A 184 -41.33 -7.88 -21.94
N GLU A 185 -42.27 -8.29 -22.78
CA GLU A 185 -42.23 -9.61 -23.37
C GLU A 185 -41.19 -9.64 -24.49
N PRO A 186 -40.65 -10.82 -24.81
CA PRO A 186 -39.76 -10.93 -25.97
C PRO A 186 -40.57 -10.99 -27.26
N ASP A 187 -40.53 -9.91 -28.04
CA ASP A 187 -41.27 -9.86 -29.30
C ASP A 187 -40.78 -10.99 -30.21
N ARG A 188 -41.69 -11.46 -31.07
CA ARG A 188 -41.39 -12.58 -31.96
C ARG A 188 -41.61 -12.21 -33.43
N THR A 189 -41.59 -10.92 -33.76
CA THR A 189 -41.70 -10.52 -35.16
C THR A 189 -40.48 -10.98 -35.96
N ARG A 190 -39.28 -10.72 -35.43
CA ARG A 190 -38.03 -11.12 -36.04
C ARG A 190 -37.28 -12.04 -35.09
N PRO A 191 -36.33 -12.83 -35.61
CA PRO A 191 -35.54 -13.69 -34.71
C PRO A 191 -34.67 -12.86 -33.78
N THR A 192 -34.55 -13.31 -32.53
CA THR A 192 -33.87 -12.55 -31.49
C THR A 192 -33.01 -13.48 -30.65
N ALA A 193 -32.05 -12.88 -29.96
CA ALA A 193 -31.19 -13.57 -29.01
C ALA A 193 -31.39 -12.96 -27.62
N LEU A 194 -31.43 -13.82 -26.60
CA LEU A 194 -31.72 -13.41 -25.24
C LEU A 194 -30.58 -13.85 -24.33
N PHE A 195 -29.97 -12.89 -23.64
CA PHE A 195 -28.87 -13.18 -22.74
C PHE A 195 -28.95 -12.27 -21.52
N SER A 196 -28.63 -12.83 -20.37
CA SER A 196 -28.71 -12.13 -19.10
C SER A 196 -27.37 -11.53 -18.73
N VAL A 197 -27.42 -10.41 -18.01
CA VAL A 197 -26.23 -9.65 -17.63
C VAL A 197 -26.31 -9.34 -16.14
N MET A 198 -25.15 -9.29 -15.50
CA MET A 198 -25.02 -8.97 -14.10
C MET A 198 -23.93 -7.91 -13.93
N CYS A 199 -24.10 -7.06 -12.92
CA CYS A 199 -23.09 -6.07 -12.56
C CYS A 199 -22.99 -6.08 -11.05
N TYR A 200 -21.77 -6.13 -10.52
CA TYR A 200 -21.60 -6.30 -9.08
C TYR A 200 -20.23 -5.75 -8.66
N ASN A 201 -20.23 -4.82 -7.71
CA ASN A 201 -19.01 -4.30 -7.11
C ASN A 201 -18.79 -5.04 -5.80
N VAL A 202 -17.84 -5.97 -5.79
CA VAL A 202 -17.70 -6.92 -4.69
C VAL A 202 -17.01 -6.33 -3.47
N LEU A 203 -16.59 -5.07 -3.52
CA LEU A 203 -15.91 -4.44 -2.40
C LEU A 203 -14.62 -5.18 -2.05
N CYS A 204 -13.51 -4.77 -2.65
CA CYS A 204 -12.25 -5.44 -2.43
C CYS A 204 -11.87 -5.37 -0.95
N ASP A 205 -10.94 -6.24 -0.55
CA ASP A 205 -10.56 -6.32 0.85
C ASP A 205 -9.72 -5.12 1.26
N LYS A 206 -8.89 -4.60 0.36
CA LYS A 206 -8.00 -3.49 0.71
C LYS A 206 -8.79 -2.29 1.22
N TYR A 207 -9.90 -1.96 0.57
CA TYR A 207 -10.70 -0.80 0.92
C TYR A 207 -11.96 -1.16 1.70
N ALA A 208 -11.97 -2.32 2.37
CA ALA A 208 -13.13 -2.80 3.11
C ALA A 208 -12.86 -2.76 4.61
N THR A 209 -12.26 -1.68 5.09
CA THR A 209 -11.89 -1.57 6.49
C THR A 209 -13.10 -1.21 7.35
N ARG A 210 -12.95 -1.42 8.65
CA ARG A 210 -14.04 -1.09 9.59
C ARG A 210 -14.16 0.41 9.80
N GLN A 211 -13.08 1.16 9.63
CA GLN A 211 -13.17 2.61 9.78
C GLN A 211 -14.24 3.19 8.87
N LEU A 212 -14.37 2.64 7.66
CA LEU A 212 -15.42 3.07 6.73
C LEU A 212 -16.74 2.40 7.06
N TYR A 213 -16.74 1.08 7.18
CA TYR A 213 -17.95 0.32 7.44
C TYR A 213 -18.02 -0.11 8.90
N GLY A 214 -18.04 0.85 9.84
CA GLY A 214 -17.97 0.55 11.25
C GLY A 214 -19.16 -0.21 11.80
N TYR A 215 -20.31 -0.12 11.13
CA TYR A 215 -21.49 -0.88 11.50
C TYR A 215 -21.33 -2.37 11.26
N CYS A 216 -20.21 -2.78 10.66
CA CYS A 216 -20.03 -4.14 10.18
C CYS A 216 -19.05 -4.89 11.08
N PRO A 217 -19.42 -6.03 11.66
CA PRO A 217 -18.47 -6.75 12.52
C PRO A 217 -17.25 -7.22 11.73
N SER A 218 -16.15 -7.39 12.46
CA SER A 218 -14.89 -7.74 11.80
C SER A 218 -14.96 -9.12 11.14
N TRP A 219 -15.72 -10.05 11.73
CA TRP A 219 -15.86 -11.38 11.12
C TRP A 219 -16.69 -11.33 9.85
N ALA A 220 -17.59 -10.35 9.73
CA ALA A 220 -18.36 -10.15 8.52
C ALA A 220 -17.60 -9.34 7.47
N LEU A 221 -16.51 -8.68 7.85
CA LEU A 221 -15.65 -7.99 6.90
C LEU A 221 -14.53 -8.88 6.38
N ASN A 222 -14.20 -9.96 7.08
CA ASN A 222 -13.13 -10.84 6.66
C ASN A 222 -13.39 -11.33 5.24
N TRP A 223 -12.37 -11.23 4.39
CA TRP A 223 -12.54 -11.62 2.99
C TRP A 223 -12.88 -13.10 2.85
N ASP A 224 -12.26 -13.94 3.69
CA ASP A 224 -12.57 -15.37 3.64
C ASP A 224 -14.05 -15.62 3.93
N TYR A 225 -14.68 -14.73 4.70
CA TYR A 225 -16.10 -14.86 5.01
C TYR A 225 -16.97 -14.34 3.86
N ARG A 226 -16.60 -13.20 3.29
CA ARG A 226 -17.42 -12.61 2.22
C ARG A 226 -17.24 -13.36 0.91
N LYS A 227 -16.00 -13.73 0.56
CA LYS A 227 -15.74 -14.32 -0.75
C LYS A 227 -16.60 -15.55 -1.00
N LYS A 228 -16.95 -16.27 0.07
CA LYS A 228 -17.84 -17.43 -0.08
C LYS A 228 -19.28 -17.00 -0.28
N ALA A 229 -19.72 -15.94 0.40
CA ALA A 229 -21.07 -15.44 0.23
C ALA A 229 -21.23 -14.69 -1.08
N ILE A 230 -20.17 -14.04 -1.56
CA ILE A 230 -20.21 -13.36 -2.85
C ILE A 230 -20.46 -14.36 -3.97
N ILE A 231 -19.66 -15.43 -4.00
CA ILE A 231 -19.72 -16.38 -5.10
C ILE A 231 -21.06 -17.09 -5.11
N GLN A 232 -21.61 -17.42 -3.93
CA GLN A 232 -22.95 -17.99 -3.87
C GLN A 232 -23.98 -17.09 -4.54
N GLU A 233 -23.69 -15.79 -4.65
CA GLU A 233 -24.62 -14.87 -5.30
C GLU A 233 -24.44 -14.88 -6.81
N ILE A 234 -23.19 -14.92 -7.28
CA ILE A 234 -22.95 -14.93 -8.72
C ILE A 234 -23.45 -16.22 -9.34
N LEU A 235 -23.38 -17.33 -8.61
CA LEU A 235 -23.85 -18.61 -9.14
C LEU A 235 -25.36 -18.73 -9.05
N SER A 236 -25.97 -18.14 -8.01
CA SER A 236 -27.43 -18.15 -7.93
C SER A 236 -28.05 -17.44 -9.13
N CYS A 237 -27.49 -16.31 -9.53
CA CYS A 237 -28.04 -15.56 -10.65
C CYS A 237 -27.73 -16.21 -11.99
N ASN A 238 -26.60 -16.91 -12.08
CA ASN A 238 -26.21 -17.61 -13.30
C ASN A 238 -26.41 -16.73 -14.53
N ALA A 239 -25.84 -15.53 -14.47
CA ALA A 239 -25.93 -14.60 -15.59
C ALA A 239 -25.03 -15.04 -16.72
N ASP A 240 -25.51 -14.89 -17.96
CA ASP A 240 -24.69 -15.21 -19.12
C ASP A 240 -23.52 -14.25 -19.28
N ILE A 241 -23.57 -13.09 -18.63
CA ILE A 241 -22.45 -12.17 -18.56
C ILE A 241 -22.39 -11.60 -17.15
N VAL A 242 -21.21 -11.66 -16.54
CA VAL A 242 -20.99 -11.13 -15.19
C VAL A 242 -19.90 -10.08 -15.28
N SER A 243 -20.19 -8.89 -14.77
CA SER A 243 -19.23 -7.80 -14.72
C SER A 243 -19.00 -7.42 -13.28
N LEU A 244 -17.73 -7.36 -12.89
CA LEU A 244 -17.33 -7.16 -11.51
C LEU A 244 -16.42 -5.95 -11.40
N GLN A 245 -16.46 -5.32 -10.23
CA GLN A 245 -15.57 -4.22 -9.87
C GLN A 245 -14.90 -4.55 -8.54
N GLU A 246 -13.85 -3.79 -8.22
CA GLU A 246 -13.12 -3.91 -6.95
C GLU A 246 -12.77 -5.38 -6.65
N VAL A 247 -11.94 -5.95 -7.52
CA VAL A 247 -11.55 -7.36 -7.44
C VAL A 247 -10.02 -7.42 -7.36
N GLU A 248 -9.50 -7.79 -6.18
CA GLU A 248 -8.06 -7.92 -6.00
C GLU A 248 -7.48 -8.94 -6.98
N THR A 249 -6.40 -8.56 -7.65
CA THR A 249 -5.84 -9.39 -8.73
C THR A 249 -5.59 -10.81 -8.26
N GLU A 250 -5.00 -10.98 -7.07
CA GLU A 250 -4.77 -12.31 -6.54
C GLU A 250 -6.06 -13.11 -6.50
N GLN A 251 -7.13 -12.51 -5.97
CA GLN A 251 -8.38 -13.24 -5.78
C GLN A 251 -9.04 -13.61 -7.11
N TYR A 252 -8.90 -12.77 -8.14
CA TYR A 252 -9.47 -13.10 -9.44
C TYR A 252 -8.90 -14.43 -9.95
N TYR A 253 -7.57 -14.49 -10.12
CA TYR A 253 -6.95 -15.65 -10.74
C TYR A 253 -7.06 -16.90 -9.89
N SER A 254 -7.05 -16.76 -8.57
CA SER A 254 -6.98 -17.89 -7.66
C SER A 254 -8.29 -18.20 -6.97
N PHE A 255 -9.34 -17.41 -7.19
CA PHE A 255 -10.63 -17.67 -6.55
C PHE A 255 -11.81 -17.48 -7.50
N PHE A 256 -12.00 -16.26 -8.01
CA PHE A 256 -13.18 -15.99 -8.83
C PHE A 256 -13.14 -16.74 -10.15
N LEU A 257 -11.99 -16.74 -10.84
CA LEU A 257 -11.89 -17.46 -12.09
C LEU A 257 -11.83 -18.97 -11.87
N VAL A 258 -11.42 -19.41 -10.69
CA VAL A 258 -11.42 -20.84 -10.39
C VAL A 258 -12.85 -21.34 -10.21
N GLU A 259 -13.54 -20.82 -9.20
CA GLU A 259 -14.89 -21.30 -8.88
C GLU A 259 -15.85 -21.09 -10.03
N LEU A 260 -15.61 -20.08 -10.88
CA LEU A 260 -16.57 -19.76 -11.93
C LEU A 260 -16.37 -20.63 -13.17
N LYS A 261 -15.16 -21.13 -13.40
CA LYS A 261 -14.97 -22.08 -14.50
C LYS A 261 -15.72 -23.37 -14.24
N GLU A 262 -15.70 -23.86 -12.99
CA GLU A 262 -16.47 -25.05 -12.65
C GLU A 262 -17.93 -24.93 -13.04
N ARG A 263 -18.44 -23.69 -13.13
CA ARG A 263 -19.81 -23.45 -13.54
C ARG A 263 -19.94 -23.12 -15.03
N GLY A 264 -18.84 -22.77 -15.69
CA GLY A 264 -18.85 -22.63 -17.13
C GLY A 264 -18.61 -21.22 -17.64
N TYR A 265 -17.70 -20.49 -17.00
CA TYR A 265 -17.35 -19.14 -17.39
C TYR A 265 -15.90 -19.06 -17.86
N ASN A 266 -15.60 -18.01 -18.62
CA ASN A 266 -14.23 -17.68 -19.00
C ASN A 266 -14.09 -16.17 -18.94
N GLY A 267 -13.28 -15.68 -18.01
CA GLY A 267 -13.22 -14.27 -17.70
C GLY A 267 -11.99 -13.56 -18.25
N PHE A 268 -12.02 -12.23 -18.15
CA PHE A 268 -10.89 -11.38 -18.49
C PHE A 268 -10.75 -10.28 -17.46
N PHE A 269 -9.56 -10.17 -16.87
CA PHE A 269 -9.27 -9.21 -15.83
C PHE A 269 -8.31 -8.15 -16.35
N SER A 270 -8.24 -7.03 -15.64
CA SER A 270 -7.21 -6.02 -15.89
C SER A 270 -7.07 -5.12 -14.67
N PRO A 271 -5.87 -4.93 -14.13
CA PRO A 271 -5.73 -4.10 -12.94
C PRO A 271 -5.88 -2.63 -13.28
N LYS A 272 -6.27 -1.85 -12.26
CA LYS A 272 -6.51 -0.43 -12.50
C LYS A 272 -5.21 0.34 -12.74
N SER A 273 -4.11 -0.10 -12.13
CA SER A 273 -2.82 0.58 -12.26
C SER A 273 -1.76 -0.39 -12.75
N ARG A 274 -0.88 0.07 -13.64
CA ARG A 274 0.16 -0.78 -14.19
C ARG A 274 1.54 -0.15 -14.04
N ALA A 275 1.61 1.18 -13.99
CA ALA A 275 2.90 1.86 -14.01
C ALA A 275 3.62 1.87 -12.67
N ARG A 276 2.96 1.44 -11.59
CA ARG A 276 3.60 1.49 -10.27
C ARG A 276 4.80 0.55 -10.22
N THR A 277 4.64 -0.69 -10.69
CA THR A 277 5.71 -1.68 -10.67
C THR A 277 6.21 -1.94 -9.26
N MET A 278 5.27 -2.07 -8.31
CA MET A 278 5.63 -2.31 -6.93
C MET A 278 6.04 -3.77 -6.73
N SER A 279 6.40 -4.09 -5.49
CA SER A 279 6.74 -5.46 -5.15
C SER A 279 5.52 -6.36 -5.28
N GLU A 280 5.78 -7.68 -5.32
CA GLU A 280 4.69 -8.65 -5.47
C GLU A 280 3.61 -8.43 -4.42
N GLN A 281 3.99 -8.32 -3.16
CA GLN A 281 3.02 -8.13 -2.08
C GLN A 281 2.12 -6.93 -2.37
N GLU A 282 2.71 -5.81 -2.80
CA GLU A 282 1.91 -4.65 -3.16
C GLU A 282 0.96 -4.97 -4.31
N ARG A 283 1.46 -5.66 -5.33
CA ARG A 283 0.66 -6.00 -6.50
C ARG A 283 -0.38 -7.07 -6.22
N LYS A 284 -0.32 -7.74 -5.06
CA LYS A 284 -1.27 -8.80 -4.77
C LYS A 284 -2.67 -8.27 -4.50
N HIS A 285 -2.77 -7.10 -3.87
CA HIS A 285 -4.06 -6.56 -3.45
C HIS A 285 -4.57 -5.44 -4.34
N VAL A 286 -3.97 -5.25 -5.51
CA VAL A 286 -4.48 -4.28 -6.48
C VAL A 286 -5.77 -4.84 -7.08
N ASP A 287 -6.80 -3.99 -7.15
CA ASP A 287 -8.09 -4.40 -7.67
C ASP A 287 -8.26 -3.96 -9.12
N GLY A 288 -9.35 -4.41 -9.73
CA GLY A 288 -9.62 -4.09 -11.12
C GLY A 288 -10.97 -4.61 -11.55
N CYS A 289 -11.29 -4.38 -12.82
CA CYS A 289 -12.58 -4.75 -13.40
C CYS A 289 -12.43 -6.04 -14.21
N ALA A 290 -13.31 -7.00 -13.94
CA ALA A 290 -13.30 -8.29 -14.62
C ALA A 290 -14.63 -8.51 -15.33
N ILE A 291 -14.59 -9.28 -16.41
CA ILE A 291 -15.77 -9.65 -17.18
C ILE A 291 -15.72 -11.15 -17.43
N PHE A 292 -16.80 -11.84 -17.10
CA PHE A 292 -16.97 -13.26 -17.39
C PHE A 292 -18.08 -13.45 -18.42
N PHE A 293 -18.24 -14.70 -18.86
CA PHE A 293 -19.28 -15.02 -19.83
C PHE A 293 -19.35 -16.52 -20.02
N LYS A 294 -20.57 -17.02 -20.20
CA LYS A 294 -20.76 -18.44 -20.47
C LYS A 294 -20.22 -18.77 -21.85
N THR A 295 -19.36 -19.79 -21.92
CA THR A 295 -18.79 -20.18 -23.21
C THR A 295 -19.87 -20.77 -24.13
N GLU A 296 -20.83 -21.49 -23.56
CA GLU A 296 -21.87 -22.12 -24.35
C GLU A 296 -22.65 -21.12 -25.20
N LYS A 297 -22.60 -19.84 -24.85
CA LYS A 297 -23.32 -18.81 -25.59
C LYS A 297 -22.40 -17.78 -26.24
N PHE A 298 -21.21 -17.55 -25.69
CA PHE A 298 -20.32 -16.52 -26.19
C PHE A 298 -18.95 -17.11 -26.47
N THR A 299 -18.20 -16.41 -27.32
CA THR A 299 -16.84 -16.77 -27.68
C THR A 299 -16.07 -15.48 -27.86
N LEU A 300 -15.08 -15.24 -26.99
CA LEU A 300 -14.37 -13.96 -27.03
C LEU A 300 -13.61 -13.81 -28.33
N VAL A 301 -13.73 -12.64 -28.95
CA VAL A 301 -13.02 -12.34 -30.19
C VAL A 301 -11.85 -11.39 -29.95
N GLN A 302 -11.92 -10.53 -28.95
CA GLN A 302 -10.84 -9.59 -28.64
C GLN A 302 -10.87 -9.29 -27.15
N LYS A 303 -9.84 -8.58 -26.70
CA LYS A 303 -9.77 -8.07 -25.33
C LYS A 303 -9.10 -6.71 -25.37
N HIS A 304 -9.49 -5.85 -24.43
CA HIS A 304 -8.95 -4.50 -24.39
C HIS A 304 -8.90 -4.03 -22.94
N THR A 305 -7.86 -3.28 -22.62
CA THR A 305 -7.79 -2.51 -21.38
C THR A 305 -7.74 -1.05 -21.79
N VAL A 306 -8.82 -0.31 -21.51
CA VAL A 306 -9.00 1.00 -22.11
C VAL A 306 -7.94 1.95 -21.56
N GLU A 307 -7.31 2.70 -22.47
CA GLU A 307 -6.43 3.80 -22.11
C GLU A 307 -6.59 4.88 -23.16
N PHE A 308 -6.17 6.09 -22.81
CA PHE A 308 -6.22 7.21 -23.74
C PHE A 308 -4.91 7.28 -24.51
N ASN A 309 -4.99 7.19 -25.84
CA ASN A 309 -3.80 7.29 -26.66
C ASN A 309 -3.07 8.62 -26.46
N GLN A 310 -3.78 9.65 -26.00
CA GLN A 310 -3.20 10.95 -25.64
C GLN A 310 -2.71 11.72 -26.86
N LEU A 311 -2.77 11.11 -28.04
CA LEU A 311 -2.47 11.79 -29.30
C LEU A 311 -3.68 11.90 -30.22
N ALA A 312 -4.76 11.17 -29.95
CA ALA A 312 -5.95 11.28 -30.79
C ALA A 312 -6.46 12.71 -30.86
N MET A 313 -6.24 13.49 -29.81
CA MET A 313 -6.62 14.89 -29.82
C MET A 313 -5.61 15.71 -30.62
N ALA A 314 -6.04 16.90 -31.02
CA ALA A 314 -5.15 17.83 -31.72
C ALA A 314 -4.12 18.37 -30.74
N ASN A 315 -2.85 18.12 -31.01
CA ASN A 315 -1.76 18.56 -30.14
C ASN A 315 -1.87 20.05 -29.85
N SER A 316 -2.19 20.39 -28.60
CA SER A 316 -2.34 21.79 -28.21
C SER A 316 -2.00 21.92 -26.73
N GLU A 317 -1.45 23.07 -26.36
CA GLU A 317 -1.04 23.30 -24.98
C GLU A 317 -2.24 23.21 -24.03
N GLY A 318 -3.40 23.69 -24.47
CA GLY A 318 -4.58 23.65 -23.61
C GLY A 318 -4.99 22.24 -23.25
N SER A 319 -5.05 21.36 -24.25
CA SER A 319 -5.34 19.95 -23.98
C SER A 319 -4.30 19.35 -23.07
N GLU A 320 -3.02 19.65 -23.29
CA GLU A 320 -1.96 19.20 -22.39
C GLU A 320 -2.12 19.83 -21.02
N ALA A 321 -2.31 21.14 -20.97
CA ALA A 321 -2.51 21.82 -19.70
C ALA A 321 -3.76 21.32 -18.99
N MET A 322 -4.77 20.90 -19.74
CA MET A 322 -5.99 20.38 -19.14
C MET A 322 -5.79 18.96 -18.63
N LEU A 323 -5.36 18.06 -19.53
CA LEU A 323 -5.27 16.64 -19.17
C LEU A 323 -4.47 16.43 -17.90
N ASN A 324 -3.46 17.27 -17.64
CA ASN A 324 -2.70 17.16 -16.40
C ASN A 324 -3.62 17.24 -15.18
N ARG A 325 -4.52 18.22 -15.17
CA ARG A 325 -5.43 18.40 -14.05
C ARG A 325 -6.42 17.25 -13.91
N VAL A 326 -6.58 16.45 -14.95
CA VAL A 326 -7.64 15.43 -15.02
C VAL A 326 -7.06 14.03 -15.00
N MET A 327 -6.06 13.75 -15.84
CA MET A 327 -5.57 12.40 -16.02
C MET A 327 -5.13 11.78 -14.69
N THR A 328 -5.30 10.47 -14.59
CA THR A 328 -4.82 9.68 -13.47
C THR A 328 -4.17 8.41 -14.00
N LYS A 329 -3.11 7.96 -13.34
CA LYS A 329 -2.35 6.81 -13.83
C LYS A 329 -3.22 5.56 -13.96
N ASP A 330 -4.35 5.50 -13.27
CA ASP A 330 -5.21 4.33 -13.31
C ASP A 330 -6.08 4.32 -14.56
N ASN A 331 -6.22 3.15 -15.18
CA ASN A 331 -6.99 3.02 -16.41
C ASN A 331 -8.48 2.89 -16.13
N ILE A 332 -8.84 2.26 -15.01
CA ILE A 332 -10.22 2.16 -14.53
C ILE A 332 -11.20 1.76 -15.63
N GLY A 333 -10.79 0.85 -16.51
CA GLY A 333 -11.68 0.41 -17.57
C GLY A 333 -11.24 -0.84 -18.30
N VAL A 334 -12.23 -1.68 -18.66
CA VAL A 334 -11.99 -2.96 -19.31
C VAL A 334 -13.12 -3.20 -20.30
N ALA A 335 -12.84 -3.95 -21.37
CA ALA A 335 -13.84 -4.24 -22.38
C ALA A 335 -13.44 -5.50 -23.13
N VAL A 336 -14.45 -6.24 -23.58
CA VAL A 336 -14.25 -7.48 -24.33
C VAL A 336 -15.28 -7.57 -25.44
N LEU A 337 -14.90 -8.21 -26.53
CA LEU A 337 -15.74 -8.40 -27.70
C LEU A 337 -16.08 -9.89 -27.82
N LEU A 338 -17.37 -10.19 -27.90
CA LEU A 338 -17.86 -11.56 -27.88
C LEU A 338 -18.52 -11.92 -29.21
N GLU A 339 -18.89 -13.20 -29.32
CA GLU A 339 -19.48 -13.74 -30.53
C GLU A 339 -20.55 -14.76 -30.16
N LEU A 340 -21.74 -14.62 -30.75
CA LEU A 340 -22.83 -15.56 -30.51
C LEU A 340 -22.60 -16.83 -31.32
N ARG A 341 -22.58 -17.97 -30.65
CA ARG A 341 -22.41 -19.24 -31.35
C ARG A 341 -23.66 -19.60 -32.12
N LYS A 342 -23.48 -20.32 -33.23
CA LYS A 342 -24.59 -20.67 -34.10
C LYS A 342 -25.73 -21.30 -33.30
N GLU A 343 -25.43 -22.29 -32.49
CA GLU A 343 -26.42 -23.00 -31.69
C GLU A 343 -26.29 -22.56 -30.23
N SER A 344 -27.42 -22.22 -29.62
CA SER A 344 -27.46 -21.82 -28.22
C SER A 344 -28.35 -22.75 -27.41
N THR A 356 -23.73 -17.71 -40.23
CA THR A 356 -23.34 -17.02 -41.45
C THR A 356 -23.14 -15.53 -41.20
N GLU A 357 -24.10 -14.90 -40.53
CA GLU A 357 -24.01 -13.47 -40.25
C GLU A 357 -22.86 -13.15 -39.31
N LYS A 358 -22.77 -13.88 -38.19
CA LYS A 358 -21.74 -13.68 -37.18
C LYS A 358 -21.81 -12.26 -36.62
N GLN A 359 -22.83 -12.02 -35.80
CA GLN A 359 -22.98 -10.76 -35.10
C GLN A 359 -22.22 -10.82 -33.78
N LEU A 360 -21.59 -9.70 -33.43
CA LEU A 360 -20.75 -9.61 -32.25
C LEU A 360 -21.34 -8.61 -31.25
N ILE A 361 -20.76 -8.60 -30.06
CA ILE A 361 -21.19 -7.72 -28.98
C ILE A 361 -19.95 -7.26 -28.22
N LEU A 362 -19.81 -5.94 -28.06
CA LEU A 362 -18.79 -5.39 -27.17
C LEU A 362 -19.42 -5.17 -25.80
N VAL A 363 -18.69 -5.59 -24.76
CA VAL A 363 -19.18 -5.52 -23.38
C VAL A 363 -18.11 -4.80 -22.57
N ALA A 364 -18.44 -3.61 -22.09
CA ALA A 364 -17.50 -2.77 -21.36
C ALA A 364 -17.78 -2.83 -19.86
N ASN A 365 -16.76 -2.45 -19.07
CA ASN A 365 -16.87 -2.45 -17.62
C ASN A 365 -15.94 -1.39 -17.04
N ALA A 366 -16.46 -0.55 -16.13
CA ALA A 366 -15.67 0.56 -15.60
C ALA A 366 -16.02 0.82 -14.14
N HIS A 367 -15.08 1.47 -13.44
CA HIS A 367 -15.24 1.81 -12.03
C HIS A 367 -14.62 3.19 -11.82
N MET A 368 -15.40 4.14 -11.30
CA MET A 368 -14.87 5.45 -10.95
C MET A 368 -14.67 5.49 -9.44
N HIS A 369 -13.42 5.60 -9.02
CA HIS A 369 -13.13 5.66 -7.59
C HIS A 369 -13.45 7.02 -7.00
N TRP A 370 -13.24 8.09 -7.76
CA TRP A 370 -13.29 9.44 -7.23
C TRP A 370 -14.65 9.72 -6.60
N ASP A 371 -14.65 10.63 -5.63
CA ASP A 371 -15.83 10.96 -4.85
C ASP A 371 -16.62 12.06 -5.55
N PRO A 372 -17.85 12.33 -5.10
CA PRO A 372 -18.70 13.30 -5.80
C PRO A 372 -18.05 14.67 -5.99
N GLU A 373 -17.23 15.12 -5.03
CA GLU A 373 -16.69 16.46 -5.10
C GLU A 373 -15.76 16.66 -6.29
N TYR A 374 -15.19 15.59 -6.83
CA TYR A 374 -14.33 15.68 -8.01
C TYR A 374 -15.10 15.28 -9.27
N SER A 375 -16.25 15.93 -9.48
CA SER A 375 -17.10 15.58 -10.62
C SER A 375 -16.44 15.92 -11.95
N ASP A 376 -15.62 16.98 -11.98
CA ASP A 376 -14.94 17.37 -13.22
C ASP A 376 -14.01 16.26 -13.70
N VAL A 377 -13.34 15.58 -12.77
CA VAL A 377 -12.48 14.47 -13.15
C VAL A 377 -13.32 13.30 -13.64
N LYS A 378 -14.30 12.87 -12.84
CA LYS A 378 -15.15 11.75 -13.23
C LYS A 378 -15.89 12.03 -14.53
N LEU A 379 -16.28 13.28 -14.76
CA LEU A 379 -17.02 13.61 -15.97
C LEU A 379 -16.12 13.53 -17.20
N VAL A 380 -14.92 14.13 -17.12
CA VAL A 380 -14.00 14.07 -18.25
C VAL A 380 -13.45 12.65 -18.42
N GLN A 381 -13.13 11.98 -17.32
CA GLN A 381 -12.73 10.58 -17.40
C GLN A 381 -13.78 9.74 -18.13
N THR A 382 -15.06 10.03 -17.89
CA THR A 382 -16.11 9.28 -18.56
C THR A 382 -16.13 9.56 -20.05
N MET A 383 -16.12 10.85 -20.44
CA MET A 383 -16.01 11.19 -21.85
C MET A 383 -14.80 10.51 -22.46
N MET A 384 -13.67 10.54 -21.76
CA MET A 384 -12.46 9.86 -22.22
C MET A 384 -12.73 8.38 -22.45
N PHE A 385 -13.33 7.72 -21.46
CA PHE A 385 -13.59 6.28 -21.56
C PHE A 385 -14.41 5.95 -22.80
N LEU A 386 -15.59 6.58 -22.93
CA LEU A 386 -16.49 6.24 -24.02
C LEU A 386 -15.88 6.60 -25.37
N SER A 387 -15.18 7.74 -25.45
CA SER A 387 -14.57 8.14 -26.71
C SER A 387 -13.60 7.06 -27.21
N GLU A 388 -12.86 6.45 -26.29
CA GLU A 388 -11.98 5.35 -26.66
C GLU A 388 -12.77 4.10 -27.06
N VAL A 389 -13.94 3.89 -26.47
CA VAL A 389 -14.77 2.75 -26.83
C VAL A 389 -15.20 2.85 -28.29
N LYS A 390 -15.71 4.02 -28.69
CA LYS A 390 -16.18 4.18 -30.06
C LYS A 390 -15.09 3.86 -31.06
N ASN A 391 -13.85 4.24 -30.76
CA ASN A 391 -12.75 3.95 -31.68
C ASN A 391 -12.44 2.45 -31.71
N ILE A 392 -12.56 1.77 -30.57
CA ILE A 392 -12.32 0.33 -30.54
C ILE A 392 -13.34 -0.41 -31.39
N ILE A 393 -14.60 0.02 -31.32
CA ILE A 393 -15.66 -0.63 -32.10
C ILE A 393 -15.36 -0.50 -33.59
N ASP A 394 -15.01 0.70 -34.03
CA ASP A 394 -14.74 0.90 -35.45
C ASP A 394 -13.60 0.02 -35.94
N LYS A 395 -12.54 -0.11 -35.14
CA LYS A 395 -11.41 -0.96 -35.52
C LYS A 395 -11.86 -2.39 -35.78
N ALA A 396 -12.86 -2.86 -35.05
CA ALA A 396 -13.37 -4.22 -35.25
C ALA A 396 -14.50 -4.28 -36.26
N SER A 397 -15.28 -3.20 -36.40
CA SER A 397 -16.40 -3.18 -37.32
C SER A 397 -15.98 -3.08 -38.78
N ARG A 398 -14.68 -2.94 -39.06
CA ARG A 398 -14.20 -2.86 -40.44
C ARG A 398 -13.93 -4.26 -41.00
N ASN A 399 -12.99 -4.99 -40.41
CA ASN A 399 -12.61 -6.29 -40.94
C ASN A 399 -13.61 -7.38 -40.55
N LEU A 400 -14.05 -7.41 -39.30
CA LEU A 400 -14.83 -8.53 -38.81
C LEU A 400 -16.30 -8.43 -39.18
N LYS A 401 -16.82 -7.22 -39.37
CA LYS A 401 -18.22 -7.08 -39.72
C LYS A 401 -18.47 -7.60 -41.12
N SER A 402 -19.54 -8.39 -41.28
CA SER A 402 -19.83 -9.01 -42.57
C SER A 402 -20.03 -7.97 -43.66
N SER A 403 -20.79 -6.91 -43.36
CA SER A 403 -21.12 -5.89 -44.35
C SER A 403 -21.06 -4.52 -43.70
N VAL A 404 -21.02 -3.49 -44.54
CA VAL A 404 -21.00 -2.11 -44.08
C VAL A 404 -22.23 -1.38 -44.60
N GLY A 409 -22.84 -1.64 -40.77
CA GLY A 409 -21.91 -2.49 -40.03
C GLY A 409 -21.83 -2.11 -38.56
N THR A 410 -22.98 -2.10 -37.89
CA THR A 410 -23.08 -1.63 -36.52
C THR A 410 -22.79 -2.76 -35.54
N ILE A 411 -22.12 -2.42 -34.44
CA ILE A 411 -21.83 -3.35 -33.36
C ILE A 411 -22.51 -2.83 -32.10
N PRO A 412 -23.28 -3.65 -31.37
CA PRO A 412 -23.95 -3.15 -30.17
C PRO A 412 -22.98 -2.87 -29.03
N LEU A 413 -23.48 -2.34 -27.92
CA LEU A 413 -22.66 -2.10 -26.74
C LEU A 413 -23.50 -2.38 -25.51
N VAL A 414 -23.05 -3.34 -24.71
CA VAL A 414 -23.66 -3.64 -23.41
C VAL A 414 -22.69 -3.11 -22.36
N LEU A 415 -23.00 -1.96 -21.81
CA LEU A 415 -22.10 -1.25 -20.90
C LEU A 415 -22.61 -1.37 -19.48
N CYS A 416 -21.73 -1.79 -18.57
CA CYS A 416 -22.07 -1.85 -17.16
C CYS A 416 -20.89 -1.29 -16.37
N ALA A 417 -21.17 -0.37 -15.44
CA ALA A 417 -20.09 0.30 -14.73
C ALA A 417 -20.59 0.75 -13.36
N ASP A 418 -19.63 1.07 -12.50
CA ASP A 418 -19.90 1.68 -11.20
C ASP A 418 -19.31 3.07 -11.28
N LEU A 419 -20.12 4.02 -11.72
CA LEU A 419 -19.65 5.38 -11.98
C LEU A 419 -19.52 6.22 -10.71
N ASN A 420 -19.87 5.68 -9.55
CA ASN A 420 -19.93 6.46 -8.32
C ASN A 420 -20.59 7.80 -8.57
N SER A 421 -21.72 7.75 -9.29
CA SER A 421 -22.49 8.94 -9.67
C SER A 421 -23.97 8.65 -9.57
N LEU A 422 -24.73 9.58 -8.97
CA LEU A 422 -26.16 9.44 -8.83
C LEU A 422 -26.83 9.59 -10.20
N PRO A 423 -28.14 9.33 -10.29
CA PRO A 423 -28.79 9.33 -11.61
C PRO A 423 -29.05 10.72 -12.18
N ASP A 424 -29.10 11.76 -11.34
CA ASP A 424 -29.27 13.13 -11.83
C ASP A 424 -27.95 13.77 -12.25
N SER A 425 -26.82 13.18 -11.85
CA SER A 425 -25.51 13.76 -12.08
C SER A 425 -25.26 13.97 -13.58
N GLY A 426 -24.21 14.75 -13.87
CA GLY A 426 -23.81 15.00 -15.24
C GLY A 426 -23.10 13.81 -15.82
N VAL A 427 -22.26 13.17 -15.00
CA VAL A 427 -21.61 11.93 -15.42
C VAL A 427 -22.64 10.96 -16.00
N VAL A 428 -23.82 10.90 -15.40
CA VAL A 428 -24.87 10.02 -15.88
C VAL A 428 -25.70 10.67 -16.98
N GLU A 429 -25.85 11.99 -16.95
CA GLU A 429 -26.56 12.68 -18.03
C GLU A 429 -25.89 12.41 -19.37
N TYR A 430 -24.54 12.41 -19.39
CA TYR A 430 -23.82 12.24 -20.63
C TYR A 430 -24.17 10.92 -21.31
N LEU A 431 -24.40 9.87 -20.52
CA LEU A 431 -24.65 8.55 -21.08
C LEU A 431 -26.10 8.38 -21.50
N SER A 432 -27.03 8.79 -20.63
CA SER A 432 -28.44 8.57 -20.90
C SER A 432 -28.95 9.48 -22.01
N THR A 433 -28.65 10.77 -21.92
CA THR A 433 -29.13 11.75 -22.89
C THR A 433 -28.25 11.82 -24.14
N GLY A 434 -27.16 11.07 -24.19
CA GLY A 434 -26.30 11.09 -25.36
C GLY A 434 -25.38 12.29 -25.46
N GLY A 435 -25.38 13.17 -24.46
CA GLY A 435 -24.53 14.34 -24.52
C GLY A 435 -24.68 15.17 -23.27
N VAL A 436 -23.72 16.09 -23.09
CA VAL A 436 -23.69 16.95 -21.92
C VAL A 436 -23.31 18.37 -22.35
N GLU A 437 -23.86 19.34 -21.64
CA GLU A 437 -23.59 20.74 -21.94
C GLU A 437 -22.21 21.14 -21.44
N THR A 438 -21.52 21.96 -22.23
CA THR A 438 -20.18 22.39 -21.86
C THR A 438 -20.15 23.23 -20.59
N ASN A 439 -21.31 23.64 -20.08
CA ASN A 439 -21.40 24.45 -18.88
C ASN A 439 -21.93 23.68 -17.68
N HIS A 440 -22.05 22.35 -17.79
CA HIS A 440 -22.69 21.56 -16.75
C HIS A 440 -22.03 21.82 -15.39
N LYS A 441 -22.87 21.85 -14.36
CA LYS A 441 -22.39 22.13 -13.01
C LYS A 441 -21.21 21.24 -12.61
N ASP A 442 -21.17 20.02 -13.15
CA ASP A 442 -20.15 19.05 -12.73
C ASP A 442 -18.77 19.38 -13.26
N PHE A 443 -18.67 20.17 -14.33
CA PHE A 443 -17.35 20.50 -14.87
C PHE A 443 -16.57 21.42 -13.94
N LYS A 444 -17.26 22.24 -13.15
CA LYS A 444 -16.62 23.14 -12.19
C LYS A 444 -15.62 24.00 -12.94
N GLU A 445 -14.34 24.03 -12.54
CA GLU A 445 -13.38 24.91 -13.20
C GLU A 445 -13.26 24.65 -14.69
N LEU A 446 -13.61 23.45 -15.16
CA LEU A 446 -13.41 23.06 -16.54
C LEU A 446 -14.60 23.38 -17.43
N ARG A 447 -15.54 24.20 -16.96
CA ARG A 447 -16.65 24.60 -17.80
C ARG A 447 -16.16 25.48 -18.94
N TYR A 448 -16.58 25.15 -20.17
CA TYR A 448 -16.29 25.89 -21.39
C TYR A 448 -14.85 25.73 -21.87
N ASN A 449 -14.10 24.78 -21.32
CA ASN A 449 -12.76 24.54 -21.82
C ASN A 449 -12.84 23.98 -23.24
N GLU A 450 -12.16 24.65 -24.18
CA GLU A 450 -12.25 24.24 -25.58
C GLU A 450 -11.87 22.78 -25.75
N SER A 451 -10.88 22.30 -24.98
CA SER A 451 -10.41 20.94 -25.15
C SER A 451 -11.51 19.92 -24.96
N LEU A 452 -12.49 20.22 -24.10
CA LEU A 452 -13.59 19.27 -23.88
C LEU A 452 -14.38 19.04 -25.16
N THR A 453 -14.47 20.05 -26.02
CA THR A 453 -15.26 19.90 -27.25
C THR A 453 -14.67 18.85 -28.18
N ASN A 454 -13.42 18.44 -27.97
CA ASN A 454 -12.77 17.50 -28.88
C ASN A 454 -13.34 16.09 -28.71
N PHE A 455 -13.69 15.71 -27.48
CA PHE A 455 -14.11 14.33 -27.22
C PHE A 455 -15.41 13.98 -27.95
N SER A 456 -16.29 14.96 -28.15
CA SER A 456 -17.51 14.71 -28.91
C SER A 456 -17.16 14.31 -30.35
N CYS A 457 -18.08 13.57 -30.97
CA CYS A 457 -17.92 13.17 -32.36
C CYS A 457 -18.32 14.32 -33.28
N ASN A 465 -21.10 25.63 -30.35
CA ASN A 465 -21.85 24.39 -30.19
C ASN A 465 -22.57 24.39 -28.85
N GLY A 466 -21.81 24.39 -27.77
CA GLY A 466 -22.36 24.47 -26.43
C GLY A 466 -22.77 23.16 -25.81
N ARG A 467 -22.39 22.03 -26.40
CA ARG A 467 -22.77 20.74 -25.85
C ARG A 467 -21.88 19.66 -26.46
N ILE A 468 -21.60 18.64 -25.66
CA ILE A 468 -20.72 17.53 -26.03
C ILE A 468 -21.61 16.32 -26.32
N THR A 469 -21.56 15.82 -27.55
CA THR A 469 -22.38 14.69 -27.95
C THR A 469 -21.50 13.54 -28.45
N HIS A 470 -22.09 12.36 -28.50
CA HIS A 470 -21.41 11.16 -28.98
C HIS A 470 -22.37 10.35 -29.83
N GLY A 471 -21.81 9.39 -30.58
CA GLY A 471 -22.62 8.63 -31.52
C GLY A 471 -23.60 7.70 -30.85
N PHE A 472 -23.18 7.05 -29.77
CA PHE A 472 -24.05 6.08 -29.09
C PHE A 472 -25.36 6.73 -28.68
N LYS A 473 -26.40 5.91 -28.62
CA LYS A 473 -27.70 6.29 -28.08
C LYS A 473 -28.07 5.17 -27.11
N LEU A 474 -27.74 5.37 -25.83
CA LEU A 474 -27.86 4.33 -24.83
C LEU A 474 -29.09 4.54 -23.95
N GLN A 475 -29.40 3.52 -23.16
CA GLN A 475 -30.54 3.57 -22.25
C GLN A 475 -30.26 2.67 -21.05
N SER A 476 -30.58 3.17 -19.86
CA SER A 476 -30.34 2.42 -18.64
C SER A 476 -31.31 1.25 -18.53
N ALA A 477 -30.82 0.15 -17.94
CA ALA A 477 -31.64 -1.03 -17.75
C ALA A 477 -32.58 -0.90 -16.55
N TYR A 478 -32.20 -0.13 -15.55
CA TYR A 478 -33.01 0.08 -14.35
C TYR A 478 -33.63 1.48 -14.35
N GLU A 479 -34.03 1.96 -15.53
CA GLU A 479 -34.70 3.25 -15.61
C GLU A 479 -35.96 3.23 -14.77
N SER A 480 -36.41 4.42 -14.36
CA SER A 480 -37.58 4.64 -13.51
C SER A 480 -37.25 4.36 -12.04
N GLY A 481 -36.00 4.07 -11.70
CA GLY A 481 -35.62 3.87 -10.31
C GLY A 481 -36.26 2.66 -9.67
N LEU A 482 -36.21 1.52 -10.36
CA LEU A 482 -36.77 0.30 -9.81
C LEU A 482 -36.02 -0.18 -8.59
N MET A 483 -34.71 0.08 -8.54
CA MET A 483 -33.91 -0.15 -7.34
C MET A 483 -33.68 1.19 -6.67
N PRO A 484 -34.22 1.44 -5.48
CA PRO A 484 -34.04 2.75 -4.87
C PRO A 484 -32.57 3.14 -4.73
N TYR A 485 -31.68 2.18 -4.51
CA TYR A 485 -30.28 2.47 -4.27
C TYR A 485 -29.45 1.22 -4.54
N THR A 486 -28.29 1.41 -5.18
CA THR A 486 -27.36 0.32 -5.44
C THR A 486 -26.13 0.36 -4.53
N ASN A 487 -26.05 1.32 -3.61
CA ASN A 487 -24.99 1.38 -2.62
C ASN A 487 -25.61 1.83 -1.31
N TYR A 488 -25.75 0.92 -0.36
CA TYR A 488 -26.46 1.17 0.89
C TYR A 488 -25.44 1.13 2.03
N THR A 489 -24.86 2.30 2.33
CA THR A 489 -23.97 2.46 3.48
C THR A 489 -24.68 3.26 4.57
N PHE A 490 -23.96 3.54 5.66
CA PHE A 490 -24.54 4.30 6.76
C PHE A 490 -24.83 5.73 6.33
N ASP A 491 -23.87 6.36 5.64
CA ASP A 491 -23.93 7.78 5.32
C ASP A 491 -24.36 8.06 3.88
N PHE A 492 -24.49 7.03 3.05
CA PHE A 492 -24.79 7.22 1.64
C PHE A 492 -25.74 6.15 1.13
N LYS A 493 -26.86 6.58 0.56
CA LYS A 493 -27.79 5.70 -0.12
C LYS A 493 -28.02 6.28 -1.50
N GLY A 494 -27.69 5.51 -2.53
CA GLY A 494 -27.85 6.06 -3.87
C GLY A 494 -27.66 5.01 -4.94
N ILE A 495 -27.83 5.45 -6.18
CA ILE A 495 -27.72 4.63 -7.37
C ILE A 495 -26.45 5.03 -8.08
N ILE A 496 -25.47 4.13 -8.09
CA ILE A 496 -24.19 4.40 -8.75
C ILE A 496 -23.79 3.31 -9.73
N ASP A 497 -24.32 2.10 -9.60
CA ASP A 497 -24.11 1.03 -10.56
C ASP A 497 -25.19 1.05 -11.63
N TYR A 498 -24.80 0.71 -12.85
CA TYR A 498 -25.67 0.87 -14.01
C TYR A 498 -25.40 -0.24 -15.01
N ILE A 499 -26.39 -0.47 -15.88
CA ILE A 499 -26.23 -1.34 -17.05
C ILE A 499 -26.90 -0.63 -18.22
N PHE A 500 -26.12 -0.30 -19.24
CA PHE A 500 -26.61 0.40 -20.41
C PHE A 500 -26.60 -0.52 -21.61
N TYR A 501 -27.17 -0.02 -22.71
CA TYR A 501 -27.30 -0.80 -23.94
C TYR A 501 -27.67 0.16 -25.06
N SER A 502 -27.37 -0.26 -26.29
CA SER A 502 -27.79 0.49 -27.47
C SER A 502 -29.25 0.18 -27.74
N LYS A 503 -30.11 1.20 -27.65
CA LYS A 503 -31.54 0.97 -27.83
C LYS A 503 -31.88 0.48 -29.24
N PRO A 504 -31.34 1.06 -30.31
CA PRO A 504 -31.68 0.53 -31.65
C PRO A 504 -31.44 -0.96 -31.79
N GLN A 505 -30.44 -1.50 -31.09
CA GLN A 505 -30.09 -2.90 -31.17
C GLN A 505 -30.68 -3.73 -30.03
N LEU A 506 -30.62 -3.24 -28.80
CA LEU A 506 -30.92 -4.03 -27.61
C LEU A 506 -32.16 -3.51 -26.91
N ASN A 507 -32.76 -4.40 -26.13
CA ASN A 507 -33.86 -4.06 -25.23
C ASN A 507 -33.68 -4.88 -23.96
N THR A 508 -34.47 -4.54 -22.94
CA THR A 508 -34.42 -5.23 -21.65
C THR A 508 -35.80 -5.81 -21.36
N LEU A 509 -35.84 -7.12 -21.10
CA LEU A 509 -37.09 -7.82 -20.84
C LEU A 509 -37.38 -7.99 -19.36
N GLY A 510 -36.41 -7.76 -18.49
CA GLY A 510 -36.61 -7.98 -17.08
C GLY A 510 -35.38 -7.67 -16.26
N ILE A 511 -35.60 -7.27 -15.00
CA ILE A 511 -34.55 -6.84 -14.09
C ILE A 511 -34.83 -7.43 -12.73
N LEU A 512 -33.77 -7.63 -11.94
CA LEU A 512 -33.92 -8.18 -10.60
C LEU A 512 -34.19 -7.03 -9.64
N GLY A 513 -35.41 -6.97 -9.11
CA GLY A 513 -35.83 -5.89 -8.25
C GLY A 513 -35.02 -5.79 -6.97
N PRO A 514 -35.36 -4.83 -6.12
CA PRO A 514 -34.60 -4.63 -4.88
C PRO A 514 -35.03 -5.60 -3.78
N LEU A 515 -34.20 -5.65 -2.74
CA LEU A 515 -34.53 -6.43 -1.55
C LEU A 515 -35.75 -5.86 -0.86
N ASP A 516 -36.62 -6.75 -0.38
CA ASP A 516 -37.79 -6.32 0.38
C ASP A 516 -37.36 -5.27 1.39
N HIS A 517 -37.71 -4.00 1.12
CA HIS A 517 -37.29 -2.91 2.00
C HIS A 517 -37.75 -3.13 3.42
N HIS A 518 -38.96 -3.65 3.60
CA HIS A 518 -39.46 -3.87 4.96
C HIS A 518 -38.55 -4.81 5.74
N TRP A 519 -37.92 -5.77 5.05
CA TRP A 519 -36.98 -6.65 5.73
C TRP A 519 -35.80 -5.87 6.28
N LEU A 520 -35.27 -4.92 5.50
CA LEU A 520 -34.16 -4.11 5.97
C LEU A 520 -34.49 -3.37 7.25
N VAL A 521 -35.77 -3.11 7.49
CA VAL A 521 -36.20 -2.40 8.68
C VAL A 521 -36.41 -3.36 9.85
N GLU A 522 -37.09 -4.49 9.61
CA GLU A 522 -37.29 -5.47 10.67
C GLU A 522 -35.97 -5.82 11.36
N ASN A 523 -34.88 -5.84 10.59
CA ASN A 523 -33.58 -6.27 11.09
C ASN A 523 -32.68 -5.10 11.49
N ASN A 524 -33.15 -3.87 11.37
CA ASN A 524 -32.40 -2.68 11.79
C ASN A 524 -31.02 -2.67 11.13
N ILE A 525 -31.04 -2.72 9.80
CA ILE A 525 -29.82 -2.70 9.00
C ILE A 525 -29.52 -1.25 8.62
N SER A 526 -28.52 -0.66 9.27
CA SER A 526 -28.17 0.73 9.03
C SER A 526 -27.41 0.93 7.73
N GLY A 527 -26.59 -0.06 7.36
CA GLY A 527 -25.79 0.04 6.16
C GLY A 527 -25.26 -1.31 5.76
N CYS A 528 -24.39 -1.30 4.75
CA CYS A 528 -23.78 -2.53 4.25
C CYS A 528 -22.30 -2.31 3.96
N PRO A 529 -21.49 -3.38 3.99
CA PRO A 529 -21.83 -4.80 4.13
C PRO A 529 -22.48 -5.16 5.47
N HIS A 530 -22.96 -6.40 5.54
CA HIS A 530 -23.74 -6.89 6.66
C HIS A 530 -23.51 -8.38 6.73
N PRO A 531 -23.63 -8.99 7.92
CA PRO A 531 -23.52 -10.45 8.02
C PRO A 531 -24.15 -11.20 6.85
N LEU A 532 -25.33 -10.74 6.42
CA LEU A 532 -26.07 -11.36 5.33
C LEU A 532 -25.81 -10.71 3.99
N ILE A 533 -25.18 -9.54 3.96
CA ILE A 533 -24.91 -8.80 2.71
C ILE A 533 -23.40 -8.70 2.52
N PRO A 534 -22.81 -9.38 1.55
CA PRO A 534 -21.34 -9.40 1.46
C PRO A 534 -20.72 -8.07 1.07
N SER A 535 -21.25 -7.40 0.04
CA SER A 535 -20.64 -6.18 -0.46
C SER A 535 -21.32 -4.95 0.16
N ASP A 536 -20.82 -3.78 -0.23
CA ASP A 536 -21.51 -2.52 0.07
C ASP A 536 -22.45 -2.11 -1.07
N HIS A 537 -22.29 -2.70 -2.24
CA HIS A 537 -23.20 -2.51 -3.37
C HIS A 537 -24.17 -3.67 -3.46
N PHE A 538 -25.22 -3.46 -4.26
CA PHE A 538 -26.15 -4.50 -4.64
C PHE A 538 -25.89 -4.92 -6.08
N SER A 539 -26.34 -6.13 -6.41
CA SER A 539 -26.12 -6.70 -7.73
C SER A 539 -27.23 -6.28 -8.69
N LEU A 540 -26.86 -6.15 -9.96
CA LEU A 540 -27.75 -5.68 -11.02
C LEU A 540 -27.88 -6.79 -12.06
N PHE A 541 -28.70 -7.79 -11.76
CA PHE A 541 -29.01 -8.81 -12.75
C PHE A 541 -30.13 -8.29 -13.64
N ALA A 542 -29.92 -8.34 -14.96
CA ALA A 542 -30.92 -7.83 -15.89
C ALA A 542 -30.85 -8.61 -17.20
N GLN A 543 -32.02 -8.91 -17.76
CA GLN A 543 -32.14 -9.70 -18.98
C GLN A 543 -32.31 -8.79 -20.18
N LEU A 544 -31.55 -9.07 -21.24
CA LEU A 544 -31.54 -8.24 -22.43
C LEU A 544 -32.06 -9.05 -23.62
N GLU A 545 -32.17 -8.37 -24.76
CA GLU A 545 -32.75 -8.94 -25.96
C GLU A 545 -32.07 -8.31 -27.16
N LEU A 546 -31.50 -9.13 -28.04
CA LEU A 546 -30.85 -8.67 -29.25
C LEU A 546 -31.62 -9.14 -30.47
N LEU A 547 -31.58 -8.33 -31.51
CA LEU A 547 -32.38 -8.54 -32.72
C LEU A 547 -31.53 -9.18 -33.80
N LEU A 548 -31.95 -10.36 -34.26
CA LEU A 548 -31.25 -11.09 -35.30
C LEU A 548 -31.94 -10.87 -36.64
N PRO A 549 -31.25 -10.41 -37.68
CA PRO A 549 -31.89 -10.25 -38.99
C PRO A 549 -31.68 -11.44 -39.92
N PHE A 550 -32.50 -11.54 -40.95
CA PHE A 550 -32.37 -12.57 -42.00
C PHE A 550 -32.47 -13.93 -41.31
N LEU A 551 -31.59 -14.89 -41.61
CA LEU A 551 -31.66 -16.21 -41.01
C LEU A 551 -31.34 -16.15 -39.52
N GLN B 15 29.67 27.01 -3.17
CA GLN B 15 28.42 26.28 -3.29
C GLN B 15 28.67 24.86 -3.78
N ARG B 16 29.54 24.13 -3.06
CA ARG B 16 29.86 22.77 -3.46
C ARG B 16 28.70 21.82 -3.20
N ILE B 17 28.05 21.93 -2.04
CA ILE B 17 26.95 21.03 -1.71
C ILE B 17 25.74 21.34 -2.58
N CYS B 18 24.93 20.31 -2.81
CA CYS B 18 23.72 20.43 -3.63
C CYS B 18 22.59 19.67 -2.96
N GLU B 19 21.49 20.38 -2.68
CA GLU B 19 20.31 19.74 -2.11
C GLU B 19 19.55 18.98 -3.18
N VAL B 20 19.19 17.73 -2.87
CA VAL B 20 18.52 16.85 -3.82
C VAL B 20 17.17 16.48 -3.23
N TRP B 21 16.10 16.78 -3.97
CA TRP B 21 14.74 16.39 -3.62
C TRP B 21 14.17 15.52 -4.74
N ALA B 22 13.00 14.94 -4.47
CA ALA B 22 12.38 14.05 -5.45
C ALA B 22 12.14 14.76 -6.78
N CYS B 23 11.87 16.06 -6.75
CA CYS B 23 11.59 16.80 -7.97
C CYS B 23 12.81 16.87 -8.87
N ASN B 24 13.98 17.16 -8.31
CA ASN B 24 15.22 17.33 -9.05
C ASN B 24 16.16 16.15 -8.84
N LEU B 25 15.61 14.95 -8.74
CA LEU B 25 16.43 13.75 -8.47
C LEU B 25 16.94 13.15 -9.78
N ASP B 26 16.04 12.62 -10.61
CA ASP B 26 16.46 11.92 -11.81
C ASP B 26 17.40 12.76 -12.66
N GLU B 27 17.31 14.09 -12.56
CA GLU B 27 18.22 14.95 -13.30
C GLU B 27 19.65 14.82 -12.78
N GLU B 28 19.83 14.89 -11.45
CA GLU B 28 21.17 14.83 -10.88
C GLU B 28 21.84 13.49 -11.17
N MET B 29 21.08 12.39 -11.11
CA MET B 29 21.66 11.08 -11.33
C MET B 29 22.33 11.01 -12.69
N LYS B 30 21.74 11.64 -13.71
CA LYS B 30 22.39 11.71 -15.01
C LYS B 30 23.78 12.31 -14.89
N LYS B 31 23.93 13.35 -14.07
CA LYS B 31 25.22 13.99 -13.90
C LYS B 31 26.19 13.07 -13.18
N ILE B 32 25.77 12.48 -12.06
CA ILE B 32 26.65 11.62 -11.27
C ILE B 32 27.15 10.46 -12.11
N ARG B 33 26.31 9.95 -13.03
CA ARG B 33 26.74 8.88 -13.92
C ARG B 33 28.02 9.25 -14.64
N GLN B 34 28.17 10.53 -15.03
CA GLN B 34 29.33 10.97 -15.77
C GLN B 34 30.47 11.43 -14.86
N VAL B 35 30.16 11.89 -13.66
CA VAL B 35 31.21 12.36 -12.74
C VAL B 35 31.92 11.19 -12.08
N ILE B 36 31.25 10.06 -11.91
CA ILE B 36 31.84 8.94 -11.19
C ILE B 36 33.00 8.33 -11.95
N ARG B 37 33.05 8.49 -13.28
CA ARG B 37 34.14 7.90 -14.05
C ARG B 37 35.48 8.52 -13.68
N LYS B 38 35.55 9.84 -13.63
CA LYS B 38 36.80 10.52 -13.29
C LYS B 38 37.02 10.67 -11.79
N TYR B 39 35.97 10.56 -10.98
CA TYR B 39 36.04 10.74 -9.52
C TYR B 39 35.43 9.52 -8.85
N ASN B 40 36.24 8.48 -8.63
CA ASN B 40 35.73 7.19 -8.17
C ASN B 40 35.68 7.04 -6.66
N TYR B 41 36.49 7.79 -5.91
CA TYR B 41 36.42 7.75 -4.46
C TYR B 41 35.16 8.47 -4.00
N VAL B 42 34.44 7.86 -3.06
CA VAL B 42 33.17 8.41 -2.60
C VAL B 42 33.11 8.31 -1.08
N ALA B 43 32.88 9.44 -0.42
CA ALA B 43 32.64 9.50 1.01
C ALA B 43 31.14 9.55 1.26
N MET B 44 30.72 9.08 2.44
CA MET B 44 29.30 8.88 2.70
C MET B 44 29.00 9.02 4.18
N ASP B 45 27.85 9.64 4.48
CA ASP B 45 27.35 9.74 5.85
C ASP B 45 25.84 9.90 5.79
N THR B 46 25.17 9.38 6.81
CA THR B 46 23.71 9.40 6.89
C THR B 46 23.26 9.85 8.27
N GLU B 47 22.15 10.59 8.30
CA GLU B 47 21.48 10.95 9.53
C GLU B 47 20.12 10.26 9.55
N PHE B 48 19.87 9.51 10.62
CA PHE B 48 18.67 8.67 10.74
C PHE B 48 17.89 9.02 11.99
N PRO B 49 16.71 8.44 12.19
CA PRO B 49 15.91 8.83 13.36
C PRO B 49 16.41 8.26 14.67
N GLY B 50 17.72 8.32 14.91
CA GLY B 50 18.30 7.80 16.13
C GLY B 50 18.08 6.30 16.29
N VAL B 51 18.49 5.82 17.46
CA VAL B 51 18.33 4.43 17.85
C VAL B 51 17.12 4.32 18.78
N VAL B 52 16.50 3.15 18.79
CA VAL B 52 15.28 2.93 19.57
C VAL B 52 15.28 1.56 20.22
N ALA B 53 15.91 0.58 19.57
CA ALA B 53 15.82 -0.82 19.96
C ALA B 53 17.16 -1.36 20.39
N ARG B 54 17.16 -2.18 21.45
CA ARG B 54 18.36 -2.86 21.92
C ARG B 54 18.00 -4.25 22.41
N PRO B 55 18.47 -5.32 21.76
CA PRO B 55 18.14 -6.68 22.22
C PRO B 55 18.80 -7.01 23.54
N ILE B 56 18.31 -8.09 24.15
CA ILE B 56 18.89 -8.66 25.35
C ILE B 56 19.00 -10.16 25.16
N GLY B 57 20.12 -10.74 25.56
CA GLY B 57 20.32 -12.18 25.43
C GLY B 57 21.80 -12.50 25.33
N GLU B 58 22.07 -13.79 25.22
CA GLU B 58 23.44 -14.28 25.13
C GLU B 58 24.02 -13.98 23.75
N PHE B 59 25.22 -13.43 23.72
CA PHE B 59 25.87 -13.03 22.47
C PHE B 59 27.25 -13.67 22.36
N ARG B 60 27.63 -14.02 21.14
CA ARG B 60 28.87 -14.75 20.92
C ARG B 60 30.07 -13.87 21.25
N SER B 61 29.90 -12.57 21.09
CA SER B 61 30.97 -11.63 21.39
C SER B 61 30.37 -10.25 21.49
N ASN B 62 31.10 -9.35 22.14
CA ASN B 62 30.67 -7.96 22.21
C ASN B 62 30.44 -7.40 20.81
N ALA B 63 31.38 -7.66 19.90
CA ALA B 63 31.22 -7.20 18.53
C ALA B 63 30.03 -7.87 17.85
N ASP B 64 29.68 -9.09 18.28
CA ASP B 64 28.50 -9.76 17.72
C ASP B 64 27.23 -8.99 18.05
N TYR B 65 27.03 -8.68 19.34
CA TYR B 65 25.89 -7.86 19.72
C TYR B 65 25.82 -6.60 18.88
N GLN B 66 26.94 -5.89 18.77
CA GLN B 66 26.94 -4.61 18.07
C GLN B 66 26.22 -4.72 16.73
N TYR B 67 26.45 -5.81 16.01
CA TYR B 67 25.72 -6.02 14.76
C TYR B 67 24.23 -6.21 15.04
N GLN B 68 23.89 -7.14 15.93
CA GLN B 68 22.49 -7.39 16.23
C GLN B 68 21.79 -6.11 16.64
N LEU B 69 22.45 -5.27 17.43
CA LEU B 69 21.91 -3.94 17.72
C LEU B 69 21.68 -3.17 16.43
N LEU B 70 22.69 -3.09 15.57
CA LEU B 70 22.56 -2.37 14.32
C LEU B 70 21.51 -3.01 13.42
N ARG B 71 21.26 -4.32 13.57
CA ARG B 71 20.26 -4.99 12.75
C ARG B 71 18.86 -4.47 13.06
N CYS B 72 18.43 -4.60 14.31
CA CYS B 72 17.07 -4.21 14.70
C CYS B 72 16.74 -2.81 14.17
N ASN B 73 17.62 -1.84 14.46
CA ASN B 73 17.27 -0.44 14.23
C ASN B 73 17.27 -0.11 12.74
N VAL B 74 18.20 -0.69 11.98
CA VAL B 74 18.18 -0.47 10.53
C VAL B 74 16.88 -0.97 9.94
N ASP B 75 16.49 -2.20 10.28
CA ASP B 75 15.25 -2.74 9.75
C ASP B 75 14.04 -1.93 10.21
N LEU B 76 14.12 -1.33 11.39
CA LEU B 76 12.95 -0.73 12.03
C LEU B 76 12.72 0.71 11.61
N LEU B 77 13.77 1.45 11.26
CA LEU B 77 13.66 2.89 10.99
C LEU B 77 14.00 3.19 9.54
N LYS B 78 13.58 4.36 9.09
CA LYS B 78 13.80 4.83 7.73
C LYS B 78 14.85 5.92 7.72
N ILE B 79 15.71 5.90 6.69
CA ILE B 79 16.77 6.90 6.57
C ILE B 79 16.13 8.26 6.30
N ILE B 80 16.67 9.29 6.91
CA ILE B 80 16.15 10.65 6.79
C ILE B 80 16.89 11.46 5.73
N GLN B 81 18.22 11.35 5.70
CA GLN B 81 19.01 12.17 4.79
C GLN B 81 20.34 11.46 4.52
N LEU B 82 20.84 11.66 3.30
CA LEU B 82 22.08 11.05 2.84
C LEU B 82 22.94 12.09 2.15
N GLY B 83 24.26 11.91 2.25
CA GLY B 83 25.20 12.79 1.58
C GLY B 83 26.37 12.03 0.97
N LEU B 84 26.80 12.45 -0.22
CA LEU B 84 27.85 11.74 -0.94
C LEU B 84 28.78 12.76 -1.59
N THR B 85 30.07 12.65 -1.30
CA THR B 85 31.09 13.52 -1.89
C THR B 85 31.95 12.69 -2.82
N PHE B 86 31.95 13.07 -4.11
CA PHE B 86 32.72 12.37 -5.12
C PHE B 86 34.05 13.09 -5.33
N MET B 87 35.14 12.31 -5.36
CA MET B 87 36.47 12.87 -5.53
C MET B 87 37.34 11.84 -6.23
N ASN B 88 38.48 12.30 -6.73
CA ASN B 88 39.45 11.44 -7.38
C ASN B 88 40.48 10.95 -6.36
N GLU B 89 41.31 10.01 -6.78
CA GLU B 89 42.31 9.44 -5.88
C GLU B 89 43.29 10.49 -5.40
N GLN B 90 43.48 11.56 -6.18
CA GLN B 90 44.38 12.64 -5.75
C GLN B 90 43.81 13.37 -4.55
N GLY B 91 42.50 13.61 -4.53
CA GLY B 91 41.86 14.29 -3.42
C GLY B 91 41.23 15.60 -3.83
N GLU B 92 40.76 15.68 -5.07
CA GLU B 92 40.25 16.92 -5.65
C GLU B 92 38.76 16.79 -5.93
N TYR B 93 38.01 17.84 -5.59
CA TYR B 93 36.58 17.84 -5.89
C TYR B 93 36.36 18.16 -7.36
N PRO B 94 35.27 17.67 -7.93
CA PRO B 94 35.00 17.92 -9.36
C PRO B 94 34.51 19.34 -9.58
N PRO B 95 34.54 19.81 -10.82
CA PRO B 95 33.97 21.13 -11.12
C PRO B 95 32.46 21.12 -10.95
N GLY B 96 31.93 22.23 -10.47
CA GLY B 96 30.51 22.32 -10.14
C GLY B 96 30.27 21.97 -8.69
N THR B 97 29.19 21.24 -8.42
CA THR B 97 28.88 20.81 -7.06
C THR B 97 29.72 19.58 -6.71
N SER B 98 30.30 19.59 -5.52
CA SER B 98 31.15 18.48 -5.07
C SER B 98 30.35 17.40 -4.35
N THR B 99 29.37 17.78 -3.55
CA THR B 99 28.60 16.86 -2.73
C THR B 99 27.12 17.00 -3.04
N TRP B 100 26.40 15.89 -2.99
CA TRP B 100 24.96 15.84 -3.18
C TRP B 100 24.31 15.38 -1.88
N GLN B 101 23.38 16.19 -1.37
CA GLN B 101 22.65 15.90 -0.13
C GLN B 101 21.27 15.38 -0.51
N PHE B 102 21.03 14.09 -0.25
CA PHE B 102 19.78 13.42 -0.62
C PHE B 102 18.83 13.43 0.57
N ASN B 103 17.65 13.99 0.37
CA ASN B 103 16.65 14.17 1.41
C ASN B 103 15.50 13.22 1.15
N PHE B 104 15.23 12.33 2.10
CA PHE B 104 14.30 11.22 1.90
C PHE B 104 12.91 11.57 2.43
N LYS B 105 11.95 10.74 2.04
CA LYS B 105 10.54 10.94 2.39
C LYS B 105 10.29 10.32 3.76
N PHE B 106 10.31 11.15 4.80
CA PHE B 106 10.06 10.72 6.17
C PHE B 106 8.84 11.44 6.68
N ASN B 107 7.79 10.69 7.02
CA ASN B 107 6.53 11.25 7.50
C ASN B 107 6.56 11.32 9.02
N LEU B 108 6.36 12.51 9.57
CA LEU B 108 6.51 12.70 11.01
C LEU B 108 5.42 12.00 11.80
N THR B 109 4.26 11.77 11.20
CA THR B 109 3.15 11.17 11.93
C THR B 109 3.21 9.64 11.88
N GLU B 110 3.10 9.07 10.68
CA GLU B 110 2.98 7.62 10.55
C GLU B 110 4.25 6.91 11.00
N ASP B 111 5.40 7.40 10.56
CA ASP B 111 6.65 6.68 10.73
C ASP B 111 7.17 6.77 12.17
N MET B 112 8.17 5.94 12.45
CA MET B 112 8.70 5.77 13.79
C MET B 112 10.03 6.49 13.95
N TYR B 113 10.27 7.02 15.14
CA TYR B 113 11.50 7.76 15.43
C TYR B 113 11.57 8.06 16.92
N ALA B 114 12.80 8.21 17.41
CA ALA B 114 13.01 8.64 18.79
C ALA B 114 12.84 10.15 18.89
N GLN B 115 12.17 10.60 19.94
CA GLN B 115 11.85 12.03 20.06
C GLN B 115 13.12 12.86 20.10
N ASP B 116 14.07 12.49 20.96
CA ASP B 116 15.32 13.25 21.05
C ASP B 116 16.04 13.29 19.71
N SER B 117 15.92 12.24 18.91
CA SER B 117 16.59 12.22 17.61
C SER B 117 16.04 13.29 16.69
N ILE B 118 14.73 13.54 16.75
CA ILE B 118 14.12 14.56 15.90
C ILE B 118 14.52 15.96 16.38
N GLU B 119 14.67 16.14 17.69
CA GLU B 119 15.06 17.45 18.22
C GLU B 119 16.41 17.89 17.67
N LEU B 120 17.36 16.96 17.57
CA LEU B 120 18.69 17.29 17.07
C LEU B 120 18.65 17.63 15.59
N LEU B 121 17.82 16.93 14.81
CA LEU B 121 17.75 17.19 13.39
C LEU B 121 17.06 18.51 13.08
N THR B 122 16.13 18.93 13.94
CA THR B 122 15.51 20.25 13.78
C THR B 122 16.54 21.34 13.96
N THR B 123 17.39 21.22 15.00
CA THR B 123 18.44 22.20 15.21
C THR B 123 19.44 22.20 14.07
N SER B 124 19.63 21.06 13.41
CA SER B 124 20.54 20.98 12.28
C SER B 124 19.96 21.57 11.01
N GLY B 125 18.64 21.75 10.95
CA GLY B 125 18.01 22.45 9.85
C GLY B 125 17.29 21.60 8.84
N ILE B 126 16.96 20.35 9.17
CA ILE B 126 16.24 19.51 8.23
C ILE B 126 14.82 20.02 8.08
N GLN B 127 14.36 20.15 6.84
CA GLN B 127 13.02 20.67 6.54
C GLN B 127 12.06 19.49 6.54
N PHE B 128 11.63 19.10 7.74
CA PHE B 128 10.84 17.88 7.90
C PHE B 128 9.57 17.93 7.05
N LYS B 129 8.83 19.03 7.11
CA LYS B 129 7.59 19.13 6.36
C LYS B 129 7.87 19.03 4.86
N LYS B 130 8.91 19.70 4.38
CA LYS B 130 9.22 19.63 2.96
C LYS B 130 9.69 18.23 2.56
N HIS B 131 10.26 17.47 3.50
CA HIS B 131 10.64 16.09 3.21
C HIS B 131 9.39 15.24 2.94
N GLU B 132 8.39 15.33 3.81
CA GLU B 132 7.16 14.58 3.60
C GLU B 132 6.56 14.88 2.24
N GLU B 133 6.38 16.17 1.93
CA GLU B 133 5.70 16.55 0.70
C GLU B 133 6.57 16.26 -0.52
N GLU B 134 7.85 16.61 -0.46
CA GLU B 134 8.75 16.52 -1.61
C GLU B 134 9.94 15.60 -1.33
N GLY B 135 9.72 14.56 -0.52
CA GLY B 135 10.80 13.64 -0.21
C GLY B 135 11.01 12.60 -1.29
N ILE B 136 12.18 11.97 -1.24
CA ILE B 136 12.54 10.95 -2.21
C ILE B 136 11.96 9.61 -1.78
N GLU B 137 11.42 8.87 -2.74
CA GLU B 137 10.92 7.52 -2.49
C GLU B 137 12.09 6.56 -2.53
N THR B 138 12.39 5.94 -1.39
CA THR B 138 13.58 5.10 -1.27
C THR B 138 13.56 4.00 -2.33
N GLN B 139 12.42 3.33 -2.50
CA GLN B 139 12.34 2.23 -3.45
C GLN B 139 12.83 2.65 -4.83
N TYR B 140 12.33 3.77 -5.34
CA TYR B 140 12.72 4.22 -6.66
C TYR B 140 14.17 4.67 -6.68
N PHE B 141 14.62 5.35 -5.62
CA PHE B 141 16.00 5.82 -5.57
C PHE B 141 16.98 4.65 -5.71
N ALA B 142 16.66 3.52 -5.09
CA ALA B 142 17.54 2.36 -5.17
C ALA B 142 17.82 1.99 -6.63
N GLU B 143 16.77 1.97 -7.46
CA GLU B 143 16.94 1.58 -8.86
C GLU B 143 17.92 2.50 -9.57
N LEU B 144 17.77 3.81 -9.39
CA LEU B 144 18.65 4.76 -10.07
C LEU B 144 20.09 4.56 -9.63
N LEU B 145 20.32 4.46 -8.32
CA LEU B 145 21.67 4.24 -7.83
C LEU B 145 22.25 2.92 -8.34
N MET B 146 21.39 1.94 -8.62
CA MET B 146 21.84 0.68 -9.18
C MET B 146 22.34 0.87 -10.60
N THR B 147 21.54 1.54 -11.45
CA THR B 147 21.92 1.72 -12.84
C THR B 147 23.19 2.58 -12.97
N SER B 148 23.35 3.58 -12.10
CA SER B 148 24.49 4.47 -12.19
C SER B 148 25.81 3.70 -12.16
N GLY B 149 25.90 2.72 -11.27
CA GLY B 149 27.07 1.87 -11.20
C GLY B 149 28.09 2.23 -10.14
N VAL B 150 27.83 3.29 -9.36
CA VAL B 150 28.74 3.63 -8.26
C VAL B 150 28.97 2.40 -7.38
N VAL B 151 27.88 1.75 -6.97
CA VAL B 151 28.00 0.52 -6.21
C VAL B 151 28.31 -0.64 -7.15
N LEU B 152 28.88 -1.69 -6.58
CA LEU B 152 29.10 -2.95 -7.30
C LEU B 152 29.86 -2.70 -8.60
N CYS B 153 31.02 -2.08 -8.45
CA CYS B 153 31.88 -1.76 -9.58
C CYS B 153 33.34 -1.88 -9.15
N GLU B 154 34.11 -2.71 -9.84
CA GLU B 154 35.52 -2.87 -9.52
C GLU B 154 36.25 -1.55 -9.74
N GLY B 155 36.93 -1.08 -8.70
CA GLY B 155 37.68 0.15 -8.79
C GLY B 155 37.02 1.35 -8.15
N VAL B 156 35.83 1.19 -7.58
CA VAL B 156 35.16 2.25 -6.83
C VAL B 156 35.39 1.99 -5.36
N LYS B 157 35.89 3.00 -4.66
CA LYS B 157 36.27 2.86 -3.26
C LYS B 157 35.41 3.81 -2.42
N TRP B 158 35.12 3.38 -1.20
CA TRP B 158 34.15 4.05 -0.34
C TRP B 158 34.80 4.47 0.97
N LEU B 159 34.47 5.68 1.41
CA LEU B 159 34.98 6.25 2.65
C LEU B 159 33.82 6.57 3.58
N SER B 160 34.04 6.43 4.88
CA SER B 160 32.98 6.69 5.85
C SER B 160 33.54 6.65 7.26
N PHE B 161 32.85 7.35 8.16
CA PHE B 161 33.21 7.42 9.57
C PHE B 161 32.00 7.02 10.41
N HIS B 162 32.20 6.09 11.35
CA HIS B 162 31.09 5.49 12.10
C HIS B 162 30.01 5.01 11.13
N SER B 163 30.39 3.99 10.35
CA SER B 163 29.62 3.56 9.20
C SER B 163 28.93 2.23 9.40
N GLY B 164 28.73 1.80 10.65
CA GLY B 164 27.91 0.64 10.89
C GLY B 164 26.51 0.87 10.38
N TYR B 165 25.83 1.87 10.95
CA TYR B 165 24.48 2.19 10.50
C TYR B 165 24.48 2.73 9.08
N ASP B 166 25.45 3.58 8.74
CA ASP B 166 25.53 4.20 7.43
C ASP B 166 25.33 3.15 6.34
N PHE B 167 26.27 2.23 6.19
CA PHE B 167 26.13 1.15 5.22
C PHE B 167 24.99 0.22 5.57
N GLY B 168 24.56 0.19 6.83
CA GLY B 168 23.40 -0.59 7.20
C GLY B 168 22.20 -0.19 6.38
N TYR B 169 21.82 1.08 6.47
CA TYR B 169 20.65 1.55 5.73
C TYR B 169 20.83 1.34 4.23
N LEU B 170 22.03 1.56 3.72
CA LEU B 170 22.25 1.46 2.27
C LEU B 170 21.97 0.06 1.76
N ILE B 171 22.29 -0.97 2.55
CA ILE B 171 22.00 -2.34 2.13
C ILE B 171 20.49 -2.56 2.09
N LYS B 172 19.80 -2.17 3.17
CA LYS B 172 18.35 -2.33 3.20
C LYS B 172 17.68 -1.65 2.01
N ILE B 173 18.16 -0.47 1.64
CA ILE B 173 17.59 0.23 0.49
C ILE B 173 17.78 -0.57 -0.78
N LEU B 174 19.04 -0.90 -1.11
CA LEU B 174 19.34 -1.54 -2.38
C LEU B 174 18.75 -2.93 -2.49
N THR B 175 18.65 -3.65 -1.36
CA THR B 175 18.04 -4.97 -1.34
C THR B 175 16.56 -4.93 -1.01
N ASN B 176 16.08 -3.83 -0.41
CA ASN B 176 14.68 -3.69 -0.06
C ASN B 176 14.24 -4.84 0.85
N SER B 177 15.09 -5.17 1.82
CA SER B 177 14.84 -6.29 2.71
C SER B 177 15.46 -6.00 4.07
N ASN B 178 15.00 -6.72 5.09
CA ASN B 178 15.63 -6.65 6.39
C ASN B 178 17.05 -7.21 6.32
N LEU B 179 17.89 -6.78 7.26
CA LEU B 179 19.27 -7.21 7.24
C LEU B 179 19.37 -8.69 7.62
N PRO B 180 20.31 -9.44 7.03
CA PRO B 180 20.42 -10.86 7.36
C PRO B 180 20.64 -11.06 8.86
N GLU B 181 20.19 -12.23 9.35
CA GLU B 181 20.37 -12.54 10.76
C GLU B 181 21.84 -12.76 11.10
N GLU B 182 22.52 -13.57 10.30
CA GLU B 182 23.92 -13.91 10.56
C GLU B 182 24.79 -12.68 10.33
N GLU B 183 25.62 -12.35 11.33
CA GLU B 183 26.61 -11.28 11.13
C GLU B 183 27.53 -11.62 9.96
N LEU B 184 27.71 -12.90 9.67
CA LEU B 184 28.51 -13.29 8.52
C LEU B 184 27.77 -13.02 7.22
N ASP B 185 26.46 -13.32 7.17
CA ASP B 185 25.68 -13.08 5.96
C ASP B 185 25.66 -11.60 5.60
N PHE B 186 25.84 -10.71 6.58
CA PHE B 186 25.80 -9.28 6.29
C PHE B 186 27.07 -8.82 5.59
N PHE B 187 28.21 -9.37 6.00
CA PHE B 187 29.47 -8.94 5.40
C PHE B 187 29.58 -9.41 3.95
N GLU B 188 29.22 -10.67 3.68
CA GLU B 188 29.37 -11.21 2.33
C GLU B 188 28.59 -10.37 1.33
N ILE B 189 27.44 -9.83 1.73
CA ILE B 189 26.67 -8.98 0.82
C ILE B 189 27.32 -7.61 0.69
N LEU B 190 27.84 -7.08 1.80
CA LEU B 190 28.47 -5.76 1.76
C LEU B 190 29.69 -5.75 0.85
N ARG B 191 30.37 -6.90 0.73
CA ARG B 191 31.57 -6.96 -0.11
C ARG B 191 31.22 -6.80 -1.59
N LEU B 192 30.03 -7.23 -1.99
CA LEU B 192 29.68 -7.18 -3.41
C LEU B 192 29.32 -5.75 -3.85
N PHE B 193 28.33 -5.15 -3.19
CA PHE B 193 27.95 -3.78 -3.54
C PHE B 193 29.13 -2.81 -3.43
N PHE B 194 30.06 -3.09 -2.53
CA PHE B 194 31.19 -2.18 -2.26
C PHE B 194 32.46 -3.00 -2.13
N PRO B 195 33.13 -3.30 -3.24
CA PRO B 195 34.35 -4.12 -3.15
C PRO B 195 35.37 -3.55 -2.17
N VAL B 196 35.54 -2.24 -2.14
CA VAL B 196 36.58 -1.60 -1.33
C VAL B 196 35.93 -0.56 -0.44
N ILE B 197 36.07 -0.75 0.88
CA ILE B 197 35.57 0.19 1.88
C ILE B 197 36.70 0.48 2.86
N TYR B 198 36.80 1.73 3.28
CA TYR B 198 37.77 2.15 4.30
C TYR B 198 37.02 2.96 5.36
N ASP B 199 36.87 2.39 6.55
CA ASP B 199 36.24 3.11 7.65
C ASP B 199 37.24 4.08 8.25
N VAL B 200 36.86 5.36 8.30
CA VAL B 200 37.79 6.38 8.77
C VAL B 200 38.16 6.16 10.24
N LYS B 201 37.21 5.66 11.04
CA LYS B 201 37.52 5.42 12.44
C LYS B 201 38.47 4.25 12.63
N TYR B 202 38.27 3.16 11.89
CA TYR B 202 39.17 2.03 12.02
C TYR B 202 40.60 2.41 11.71
N LEU B 203 40.79 3.40 10.83
CA LEU B 203 42.13 3.92 10.58
C LEU B 203 42.64 4.73 11.77
N MET B 204 41.76 5.51 12.41
CA MET B 204 42.16 6.31 13.55
C MET B 204 42.65 5.44 14.70
N LYS B 205 42.17 4.20 14.80
CA LYS B 205 42.64 3.30 15.85
C LYS B 205 44.15 3.08 15.75
N SER B 206 44.68 3.03 14.53
CA SER B 206 46.10 2.78 14.34
C SER B 206 46.93 4.03 14.63
N CYS B 207 46.41 5.19 14.28
CA CYS B 207 47.14 6.44 14.50
C CYS B 207 47.09 6.84 15.96
N LYS B 208 48.13 7.55 16.40
CA LYS B 208 48.24 8.01 17.77
C LYS B 208 47.52 9.36 17.94
N ASN B 209 47.01 9.58 19.15
CA ASN B 209 46.41 10.86 19.54
C ASN B 209 45.26 11.23 18.62
N LEU B 210 44.41 10.25 18.31
CA LEU B 210 43.21 10.48 17.48
C LEU B 210 42.05 9.76 18.14
N LYS B 211 41.11 10.51 18.70
CA LYS B 211 39.96 9.95 19.39
C LYS B 211 38.80 10.93 19.30
N GLY B 212 37.63 10.47 19.73
CA GLY B 212 36.46 11.32 19.81
C GLY B 212 35.60 11.29 18.55
N GLY B 213 34.58 12.14 18.57
CA GLY B 213 33.67 12.26 17.45
C GLY B 213 34.33 12.89 16.24
N LEU B 214 33.52 13.06 15.19
CA LEU B 214 34.05 13.58 13.93
C LEU B 214 34.51 15.03 14.08
N GLN B 215 33.64 15.90 14.59
CA GLN B 215 34.02 17.31 14.73
C GLN B 215 35.29 17.47 15.56
N GLU B 216 35.51 16.57 16.53
CA GLU B 216 36.75 16.63 17.31
C GLU B 216 37.96 16.30 16.46
N VAL B 217 37.82 15.41 15.47
CA VAL B 217 38.92 15.07 14.59
C VAL B 217 39.28 16.25 13.69
N ALA B 218 38.26 16.96 13.21
CA ALA B 218 38.51 18.09 12.32
C ALA B 218 39.41 19.14 12.98
N GLU B 219 39.23 19.36 14.28
CA GLU B 219 40.07 20.32 14.99
C GLU B 219 41.52 19.86 15.02
N GLN B 220 41.74 18.55 15.24
CA GLN B 220 43.10 18.03 15.26
C GLN B 220 43.78 18.19 13.91
N LEU B 221 43.02 18.06 12.82
CA LEU B 221 43.56 18.07 11.47
C LEU B 221 43.38 19.41 10.77
N GLU B 222 42.81 20.41 11.45
CA GLU B 222 42.71 21.77 10.91
C GLU B 222 42.02 21.75 9.54
N LEU B 223 40.73 21.42 9.58
CA LEU B 223 39.90 21.35 8.38
C LEU B 223 38.69 22.24 8.58
N GLU B 224 38.56 23.26 7.74
CA GLU B 224 37.44 24.18 7.85
C GLU B 224 36.13 23.48 7.52
N ARG B 225 35.08 23.87 8.22
CA ARG B 225 33.77 23.23 8.13
C ARG B 225 32.89 24.03 7.17
N ILE B 226 32.38 23.37 6.14
CA ILE B 226 31.53 23.99 5.13
C ILE B 226 30.13 23.42 5.26
N GLY B 227 29.13 24.30 5.25
CA GLY B 227 27.75 23.89 5.36
C GLY B 227 27.28 23.83 6.80
N PRO B 228 26.05 23.36 7.01
CA PRO B 228 25.50 23.27 8.38
C PRO B 228 26.10 22.09 9.12
N GLN B 229 26.72 22.37 10.26
CA GLN B 229 27.36 21.31 11.05
C GLN B 229 26.34 20.24 11.45
N HIS B 230 26.83 19.00 11.53
CA HIS B 230 26.03 17.87 11.97
C HIS B 230 24.85 17.62 11.03
N GLN B 231 25.01 17.92 9.75
CA GLN B 231 24.05 17.55 8.72
C GLN B 231 24.64 16.44 7.85
N ALA B 232 23.76 15.61 7.30
CA ALA B 232 24.23 14.48 6.51
C ALA B 232 25.08 14.95 5.33
N GLY B 233 24.66 16.01 4.65
CA GLY B 233 25.41 16.50 3.50
C GLY B 233 26.75 17.10 3.90
N SER B 234 26.74 17.97 4.92
CA SER B 234 27.98 18.59 5.37
C SER B 234 28.94 17.56 5.95
N ASP B 235 28.44 16.65 6.78
CA ASP B 235 29.31 15.64 7.38
C ASP B 235 29.98 14.78 6.31
N SER B 236 29.28 14.50 5.21
CA SER B 236 29.86 13.70 4.15
C SER B 236 31.08 14.37 3.54
N LEU B 237 30.99 15.67 3.28
CA LEU B 237 32.12 16.41 2.72
C LEU B 237 33.30 16.39 3.68
N LEU B 238 33.05 16.68 4.96
CA LEU B 238 34.12 16.68 5.95
C LEU B 238 34.76 15.30 6.09
N THR B 239 34.00 14.23 5.86
CA THR B 239 34.55 12.89 5.98
C THR B 239 35.61 12.64 4.91
N GLY B 240 35.32 13.02 3.66
CA GLY B 240 36.24 12.73 2.58
C GLY B 240 37.54 13.49 2.70
N MET B 241 37.46 14.81 2.92
CA MET B 241 38.67 15.61 3.05
C MET B 241 39.49 15.16 4.26
N ALA B 242 38.83 14.86 5.37
CA ALA B 242 39.52 14.38 6.55
C ALA B 242 40.20 13.05 6.32
N PHE B 243 39.87 12.36 5.24
CA PHE B 243 40.51 11.09 4.91
C PHE B 243 41.78 11.29 4.09
N PHE B 244 41.74 12.20 3.12
CA PHE B 244 42.92 12.41 2.28
C PHE B 244 44.07 12.99 3.08
N LYS B 245 43.80 14.01 3.90
CA LYS B 245 44.85 14.56 4.74
C LYS B 245 45.29 13.56 5.81
N MET B 246 44.37 12.73 6.29
CA MET B 246 44.75 11.67 7.22
C MET B 246 45.62 10.63 6.53
N ARG B 247 45.31 10.30 5.28
CA ARG B 247 46.12 9.35 4.53
C ARG B 247 47.52 9.92 4.26
N GLU B 248 47.58 11.17 3.81
CA GLU B 248 48.87 11.81 3.53
C GLU B 248 49.72 11.92 4.79
N MET B 249 49.09 12.04 5.96
CA MET B 249 49.82 12.32 7.20
C MET B 249 50.32 11.03 7.86
N PHE B 250 49.40 10.20 8.32
CA PHE B 250 49.76 9.06 9.15
C PHE B 250 50.02 7.78 8.37
N PHE B 251 49.59 7.70 7.11
CA PHE B 251 49.74 6.49 6.31
C PHE B 251 50.62 6.66 5.09
N GLU B 252 51.22 7.83 4.90
CA GLU B 252 52.19 8.04 3.83
C GLU B 252 51.55 7.88 2.45
N ASP B 253 50.35 8.44 2.28
CA ASP B 253 49.68 8.51 0.99
C ASP B 253 49.34 7.12 0.45
N HIS B 254 49.16 6.14 1.32
CA HIS B 254 48.83 4.79 0.88
C HIS B 254 48.14 4.03 1.98
N ILE B 255 47.22 3.15 1.59
CA ILE B 255 46.47 2.31 2.51
C ILE B 255 46.59 0.86 2.06
N ASP B 256 46.95 -0.02 2.99
CA ASP B 256 47.00 -1.44 2.70
C ASP B 256 45.56 -1.97 2.66
N ASP B 257 45.12 -2.41 1.49
CA ASP B 257 43.78 -2.94 1.35
C ASP B 257 43.53 -4.05 2.37
N ALA B 258 44.25 -5.17 2.22
CA ALA B 258 43.96 -6.35 3.02
C ALA B 258 43.84 -6.02 4.50
N LYS B 259 44.70 -5.14 5.01
CA LYS B 259 44.67 -4.84 6.44
C LYS B 259 43.45 -4.02 6.83
N TYR B 260 43.18 -2.93 6.10
CA TYR B 260 42.16 -1.96 6.50
C TYR B 260 40.94 -1.94 5.60
N CYS B 261 40.98 -2.60 4.44
CA CYS B 261 39.84 -2.59 3.53
C CYS B 261 38.79 -3.60 3.98
N GLY B 262 37.56 -3.11 4.14
CA GLY B 262 36.45 -3.96 4.55
C GLY B 262 36.21 -4.03 6.04
N HIS B 263 36.81 -3.14 6.83
CA HIS B 263 36.65 -3.14 8.28
C HIS B 263 35.80 -1.94 8.68
N LEU B 264 34.72 -2.19 9.41
CA LEU B 264 33.89 -1.14 9.97
C LEU B 264 34.06 -1.12 11.49
N TYR B 265 34.22 0.08 12.05
CA TYR B 265 34.44 0.20 13.48
C TYR B 265 33.30 -0.44 14.25
N GLY B 266 33.64 -1.10 15.35
CA GLY B 266 32.65 -1.74 16.20
C GLY B 266 32.12 -3.06 15.67
N LEU B 267 32.66 -3.57 14.57
CA LEU B 267 32.17 -4.81 13.99
C LEU B 267 33.32 -5.71 13.57
#